data_1Q83
#
_entry.id   1Q83
#
_cell.length_a   79.743
_cell.length_b   111.954
_cell.length_c   226.577
_cell.angle_alpha   90.00
_cell.angle_beta   90.00
_cell.angle_gamma   90.00
#
_symmetry.space_group_name_H-M   'P 21 21 21'
#
loop_
_entity.id
_entity.type
_entity.pdbx_description
1 polymer Acetylcholinesterase
2 branched beta-L-fucopyranose-(1-6)-2-acetamido-2-deoxy-beta-D-glucopyranose
3 non-polymer 2-acetamido-2-deoxy-beta-D-glucopyranose
4 non-polymer 'HEXAETHYLENE GLYCOL'
5 non-polymer 3,8-DIAMINO-6-PHENYL-5-[6-[1-[2-[(1,2,3,4-TETRAHYDRO-9-ACRIDINYL)AMINO]ETHYL]-1H-1,2,3-TRIAZOL-5-YL]HEXYL]-PHENANTHRIDINIUM
6 water water
#
_entity_poly.entity_id   1
_entity_poly.type   'polypeptide(L)'
_entity_poly.pdbx_seq_one_letter_code
;MRPPWYPLHTPSLAFPLLFLLLSLLGGGARAEGREDPQLLVRVRGGQLRGIRLKAPGGPVSAFLGIPFAEPPVGSRRFMP
PEPKRPWSGVLDATTFQNVCYQYVDTLYPGFEGTEMWNPNRELSEDCLYLNVWTPYPRPASPTPVLIWIYGGGFYSGAAS
LDVYDGRFLAQVEGAVLVSMNYRVGTFGFLALPGSREAPGNVGLLDQRLALQWVQENIAAFGGDPMSVTLFGESAGAASV
GMHILSLPSRSLFHRAVLQSGTPNGPWATVSAGEARRRATLLARLVGCPPGGAGGNDTELIACLRTRPAQDLVDHEWHVL
PQESIFRFSFVPVVDGDFLSDTPEALINTGDFQDLQVLVGVVKDEGSYFLVYGVPGFSKDNESLISRAQFLAGVRIGVPQ
ASDLAAEAVVLHYTDWLHPEDPTHLRDAMSAVVGDHNVVCPVAQLAGRLAAQGARVYAYIFEHRASTLTWPLWMGVPHGY
EIEFIFGLPLDPSLNYTTEERIFAQRLMKYWTNFARTGDPNDPRDSKSPQWPPYTTAAQQYVSLNLKPLEVRRGLRAQTC
AFWNRFLPKLLSATDTLDEA
;
_entity_poly.pdbx_strand_id   A,B
#
loop_
_chem_comp.id
_chem_comp.type
_chem_comp.name
_chem_comp.formula
FUL L-saccharide, beta linking beta-L-fucopyranose 'C6 H12 O5'
NAG D-saccharide, beta linking 2-acetamido-2-deoxy-beta-D-glucopyranose 'C8 H15 N O6'
P6G non-polymer 'HEXAETHYLENE GLYCOL' 'C12 H26 O7'
TZ5 non-polymer 3,8-DIAMINO-6-PHENYL-5-[6-[1-[2-[(1,2,3,4-TETRAHYDRO-9-ACRIDINYL)AMINO]ETHYL]-1H-1,2,3-TRIAZOL-5-YL]HEXYL]-PHENANTHRIDINIUM 'C42 H45 N8 1'
#
# COMPACT_ATOMS: atom_id res chain seq x y z
N GLU A 32 -53.87 12.76 -41.59
CA GLU A 32 -52.69 12.29 -42.37
C GLU A 32 -53.07 12.14 -43.83
N GLY A 33 -52.11 11.73 -44.64
CA GLY A 33 -52.36 11.51 -46.05
C GLY A 33 -51.29 12.12 -46.90
N ARG A 34 -50.68 13.20 -46.42
CA ARG A 34 -49.70 13.98 -47.20
C ARG A 34 -48.27 13.84 -46.67
N GLU A 35 -48.09 13.11 -45.58
CA GLU A 35 -46.84 13.09 -44.83
C GLU A 35 -46.07 11.82 -45.10
N ASP A 36 -44.82 11.82 -44.67
CA ASP A 36 -43.96 10.65 -44.78
C ASP A 36 -44.68 9.53 -44.01
N PRO A 37 -45.08 8.47 -44.71
CA PRO A 37 -45.79 7.35 -44.06
C PRO A 37 -44.87 6.47 -43.21
N GLN A 38 -43.57 6.71 -43.26
CA GLN A 38 -42.60 5.92 -42.53
C GLN A 38 -42.29 6.51 -41.16
N LEU A 39 -43.07 7.52 -40.78
CA LEU A 39 -42.93 8.21 -39.52
C LEU A 39 -44.23 8.26 -38.71
N LEU A 40 -45.25 7.51 -39.10
CA LEU A 40 -46.47 7.40 -38.31
C LEU A 40 -46.51 6.06 -37.59
N VAL A 41 -46.49 6.13 -36.27
CA VAL A 41 -46.54 4.96 -35.44
C VAL A 41 -47.58 5.17 -34.36
N ARG A 42 -48.17 4.07 -33.88
CA ARG A 42 -49.10 4.10 -32.77
C ARG A 42 -48.43 3.38 -31.62
N VAL A 43 -48.63 3.94 -30.43
CA VAL A 43 -48.28 3.31 -29.17
C VAL A 43 -49.52 3.29 -28.28
N ARG A 44 -49.41 2.65 -27.11
CA ARG A 44 -50.52 2.45 -26.19
C ARG A 44 -51.30 3.75 -25.90
N GLY A 45 -50.61 4.87 -25.81
CA GLY A 45 -51.27 6.14 -25.56
C GLY A 45 -51.86 6.82 -26.79
N GLY A 46 -51.40 6.46 -27.98
CA GLY A 46 -51.95 7.01 -29.21
C GLY A 46 -51.00 7.12 -30.40
N GLN A 47 -51.38 7.94 -31.38
CA GLN A 47 -50.61 8.09 -32.60
C GLN A 47 -49.47 9.06 -32.37
N LEU A 48 -48.30 8.78 -32.98
CA LEU A 48 -47.12 9.67 -32.92
C LEU A 48 -46.64 9.99 -34.32
N ARG A 49 -46.17 11.21 -34.53
CA ARG A 49 -45.48 11.54 -35.77
C ARG A 49 -44.06 11.88 -35.40
N GLY A 50 -43.10 11.18 -36.01
CA GLY A 50 -41.70 11.43 -35.83
C GLY A 50 -41.11 12.22 -36.96
N ILE A 51 -39.78 12.21 -37.02
CA ILE A 51 -39.07 13.06 -37.94
C ILE A 51 -37.92 12.29 -38.56
N ARG A 52 -37.74 12.46 -39.86
CA ARG A 52 -36.61 11.92 -40.58
C ARG A 52 -35.43 12.81 -40.26
N LEU A 53 -34.40 12.27 -39.61
CA LEU A 53 -33.18 13.03 -39.32
C LEU A 53 -32.06 12.57 -40.22
N LYS A 54 -31.10 13.45 -40.46
CA LYS A 54 -29.97 13.17 -41.32
C LYS A 54 -28.77 12.76 -40.47
N ALA A 55 -28.23 11.59 -40.76
CA ALA A 55 -26.97 11.16 -40.17
C ALA A 55 -25.97 11.07 -41.31
N PRO A 56 -24.68 11.04 -41.01
CA PRO A 56 -23.65 11.06 -42.05
C PRO A 56 -23.83 10.06 -43.18
N GLY A 57 -24.15 8.82 -42.85
CA GLY A 57 -24.28 7.77 -43.85
C GLY A 57 -25.70 7.48 -44.32
N GLY A 58 -26.69 8.24 -43.85
CA GLY A 58 -28.07 8.06 -44.27
C GLY A 58 -29.12 8.58 -43.28
N PRO A 59 -30.39 8.50 -43.66
CA PRO A 59 -31.49 8.90 -42.75
C PRO A 59 -31.76 7.91 -41.61
N VAL A 60 -32.27 8.44 -40.50
CA VAL A 60 -32.80 7.70 -39.37
C VAL A 60 -34.14 8.32 -38.90
N SER A 61 -35.00 7.51 -38.29
CA SER A 61 -36.27 7.97 -37.74
C SER A 61 -36.07 8.41 -36.29
N ALA A 62 -36.67 9.51 -35.89
CA ALA A 62 -36.62 9.91 -34.50
C ALA A 62 -38.00 10.24 -33.98
N PHE A 63 -38.33 9.68 -32.82
CA PHE A 63 -39.58 9.99 -32.13
C PHE A 63 -39.19 10.60 -30.80
N LEU A 64 -39.22 11.92 -30.76
CA LEU A 64 -38.68 12.69 -29.66
C LEU A 64 -39.81 13.28 -28.86
N GLY A 65 -39.67 13.29 -27.53
CA GLY A 65 -40.63 13.93 -26.66
C GLY A 65 -41.92 13.16 -26.48
N ILE A 66 -41.84 11.85 -26.44
CA ILE A 66 -43.00 11.01 -26.19
C ILE A 66 -43.28 11.01 -24.69
N PRO A 67 -44.47 11.35 -24.24
CA PRO A 67 -44.77 11.30 -22.81
C PRO A 67 -44.98 9.88 -22.36
N PHE A 68 -44.33 9.48 -21.28
CA PHE A 68 -44.56 8.17 -20.69
C PHE A 68 -45.19 8.26 -19.30
N ALA A 69 -45.43 9.46 -18.80
CA ALA A 69 -46.05 9.63 -17.49
C ALA A 69 -46.93 10.86 -17.37
N GLU A 70 -47.85 10.86 -16.44
CA GLU A 70 -48.59 12.08 -16.17
C GLU A 70 -47.62 13.10 -15.57
N PRO A 71 -47.70 14.36 -16.02
CA PRO A 71 -46.79 15.38 -15.51
C PRO A 71 -46.77 15.34 -14.01
N PRO A 72 -45.61 15.10 -13.39
CA PRO A 72 -45.55 14.99 -11.94
C PRO A 72 -45.52 16.36 -11.26
N VAL A 73 -46.60 17.11 -11.41
CA VAL A 73 -46.65 18.48 -10.91
C VAL A 73 -47.77 18.66 -9.87
N GLY A 74 -47.68 19.77 -9.13
CA GLY A 74 -48.70 20.14 -8.18
C GLY A 74 -48.68 19.18 -7.02
N SER A 75 -49.81 18.51 -6.76
CA SER A 75 -49.85 17.50 -5.69
C SER A 75 -49.08 16.22 -6.04
N ARG A 76 -48.58 16.09 -7.27
CA ARG A 76 -47.79 14.92 -7.67
C ARG A 76 -46.30 15.10 -7.50
N ARG A 77 -45.88 16.24 -6.97
CA ARG A 77 -44.47 16.43 -6.71
C ARG A 77 -44.04 15.54 -5.56
N PHE A 78 -42.89 14.89 -5.74
CA PHE A 78 -42.30 13.90 -4.82
C PHE A 78 -42.96 12.52 -4.90
N MET A 79 -44.02 12.38 -5.71
CA MET A 79 -44.79 11.14 -5.74
C MET A 79 -44.33 10.24 -6.87
N PRO A 80 -44.55 8.94 -6.75
CA PRO A 80 -44.31 8.00 -7.86
C PRO A 80 -45.01 8.43 -9.14
N PRO A 81 -44.47 8.14 -10.31
CA PRO A 81 -45.10 8.57 -11.57
C PRO A 81 -46.29 7.69 -11.85
N GLU A 82 -47.36 8.27 -12.42
CA GLU A 82 -48.48 7.49 -12.92
C GLU A 82 -48.28 7.37 -14.44
N PRO A 83 -48.69 6.26 -15.06
CA PRO A 83 -48.64 6.13 -16.54
C PRO A 83 -49.41 7.23 -17.28
N LYS A 84 -48.89 7.63 -18.43
CA LYS A 84 -49.52 8.66 -19.23
C LYS A 84 -50.91 8.23 -19.68
N ARG A 85 -51.87 9.12 -19.60
CA ARG A 85 -53.21 8.81 -20.03
C ARG A 85 -53.26 8.94 -21.57
N PRO A 86 -53.96 8.06 -22.26
CA PRO A 86 -54.06 8.17 -23.72
C PRO A 86 -54.48 9.57 -24.18
N TRP A 87 -54.11 9.92 -25.39
CA TRP A 87 -54.39 11.23 -25.99
C TRP A 87 -55.11 11.05 -27.31
N SER A 88 -55.71 12.12 -27.78
CA SER A 88 -56.44 12.03 -29.02
C SER A 88 -55.66 12.78 -30.07
N GLY A 89 -55.91 12.41 -31.32
CA GLY A 89 -55.12 12.91 -32.42
C GLY A 89 -53.71 12.37 -32.43
N VAL A 90 -52.90 13.02 -33.26
CA VAL A 90 -51.53 12.59 -33.54
C VAL A 90 -50.62 13.52 -32.79
N LEU A 91 -49.90 12.95 -31.83
CA LEU A 91 -48.99 13.70 -31.01
C LEU A 91 -47.74 13.98 -31.82
N ASP A 92 -47.31 15.23 -31.80
CA ASP A 92 -46.11 15.60 -32.48
C ASP A 92 -44.86 15.23 -31.67
N ALA A 93 -44.00 14.46 -32.29
CA ALA A 93 -42.84 13.87 -31.63
C ALA A 93 -41.57 14.18 -32.42
N THR A 94 -41.40 15.46 -32.74
CA THR A 94 -40.31 15.89 -33.62
C THR A 94 -39.27 16.74 -32.92
N THR A 95 -39.49 17.05 -31.64
CA THR A 95 -38.51 17.82 -30.88
C THR A 95 -38.39 17.29 -29.48
N PHE A 96 -37.20 17.41 -28.93
CA PHE A 96 -36.97 17.10 -27.53
C PHE A 96 -37.89 17.93 -26.66
N GLN A 97 -38.37 17.34 -25.58
CA GLN A 97 -39.25 18.05 -24.66
C GLN A 97 -38.45 18.65 -23.50
N ASN A 98 -39.18 19.22 -22.55
CA ASN A 98 -38.59 19.89 -21.42
C ASN A 98 -37.62 18.96 -20.68
N VAL A 99 -36.56 19.59 -20.18
CA VAL A 99 -35.63 19.02 -19.23
C VAL A 99 -36.18 19.14 -17.81
N CYS A 100 -35.92 18.14 -16.99
CA CYS A 100 -36.37 18.12 -15.60
C CYS A 100 -35.66 19.20 -14.80
N TYR A 101 -36.41 19.82 -13.89
CA TYR A 101 -35.94 21.01 -13.16
C TYR A 101 -34.67 20.71 -12.39
N GLN A 102 -33.67 21.58 -12.52
CA GLN A 102 -32.35 21.31 -12.00
C GLN A 102 -31.44 22.53 -11.87
N TYR A 103 -30.40 22.42 -11.05
CA TYR A 103 -29.37 23.44 -10.95
C TYR A 103 -28.54 23.49 -12.24
N VAL A 104 -28.35 24.71 -12.75
CA VAL A 104 -27.56 25.00 -13.95
C VAL A 104 -26.18 25.58 -13.56
N ASP A 105 -25.13 24.90 -14.02
CA ASP A 105 -23.74 25.24 -13.74
C ASP A 105 -23.34 26.51 -14.49
N THR A 106 -22.89 27.54 -13.77
CA THR A 106 -22.43 28.81 -14.41
C THR A 106 -21.04 29.31 -13.98
N LEU A 107 -20.30 28.45 -13.27
CA LEU A 107 -18.87 28.61 -13.03
C LEU A 107 -18.16 29.32 -14.20
N TYR A 108 -18.19 28.73 -15.38
CA TYR A 108 -17.37 29.16 -16.50
C TYR A 108 -18.24 29.54 -17.71
N PRO A 109 -18.76 30.76 -17.76
CA PRO A 109 -19.62 31.24 -18.87
C PRO A 109 -18.97 31.17 -20.24
N GLY A 110 -19.69 30.61 -21.21
CA GLY A 110 -19.19 30.50 -22.58
C GLY A 110 -18.44 29.20 -22.80
N PHE A 111 -18.11 28.47 -21.74
CA PHE A 111 -17.13 27.41 -21.84
C PHE A 111 -17.78 26.08 -22.21
N GLU A 112 -17.38 25.53 -23.35
CA GLU A 112 -17.96 24.29 -23.89
C GLU A 112 -17.87 23.10 -22.91
N GLY A 113 -16.75 22.98 -22.22
CA GLY A 113 -16.54 21.90 -21.29
C GLY A 113 -17.61 21.78 -20.21
N THR A 114 -18.19 22.89 -19.75
CA THR A 114 -19.29 22.81 -18.81
C THR A 114 -20.67 22.92 -19.47
N GLU A 115 -20.79 23.72 -20.53
CA GLU A 115 -22.09 24.01 -21.14
C GLU A 115 -22.64 22.82 -21.92
N MET A 116 -21.77 21.91 -22.35
CA MET A 116 -22.23 20.77 -23.12
C MET A 116 -23.09 19.85 -22.25
N TRP A 117 -22.98 19.96 -20.93
CA TRP A 117 -23.79 19.16 -20.03
C TRP A 117 -25.05 19.90 -19.52
N ASN A 118 -25.12 21.22 -19.70
CA ASN A 118 -26.22 22.03 -19.19
C ASN A 118 -27.47 21.81 -20.02
N PRO A 119 -28.64 22.10 -19.45
CA PRO A 119 -29.91 21.87 -20.15
C PRO A 119 -30.00 22.56 -21.47
N ASN A 120 -30.52 21.89 -22.47
CA ASN A 120 -30.65 22.43 -23.81
C ASN A 120 -32.11 22.60 -24.23
N ARG A 121 -33.00 22.51 -23.24
CA ARG A 121 -34.42 22.83 -23.42
C ARG A 121 -34.92 23.50 -22.15
N GLU A 122 -36.13 24.00 -22.18
CA GLU A 122 -36.75 24.64 -21.03
C GLU A 122 -36.76 23.71 -19.82
N LEU A 123 -36.49 24.27 -18.65
CA LEU A 123 -36.62 23.54 -17.39
C LEU A 123 -38.05 23.55 -16.95
N SER A 124 -38.56 22.37 -16.59
CA SER A 124 -39.94 22.24 -16.16
C SER A 124 -40.09 20.96 -15.35
N GLU A 125 -40.98 21.00 -14.37
CA GLU A 125 -41.32 19.84 -13.59
C GLU A 125 -42.06 18.89 -14.48
N ASP A 126 -42.68 19.41 -15.54
CA ASP A 126 -43.35 18.63 -16.57
C ASP A 126 -42.27 18.18 -17.51
N CYS A 127 -41.64 17.05 -17.20
CA CYS A 127 -40.44 16.65 -17.93
C CYS A 127 -40.30 15.15 -18.24
N LEU A 128 -41.35 14.37 -17.99
CA LEU A 128 -41.31 12.93 -18.11
C LEU A 128 -41.64 12.47 -19.56
N TYR A 129 -40.63 12.63 -20.41
CA TYR A 129 -40.72 12.31 -21.81
C TYR A 129 -39.57 11.40 -22.21
N LEU A 130 -39.72 10.62 -23.26
CA LEU A 130 -38.63 9.80 -23.75
C LEU A 130 -38.48 9.96 -25.25
N ASN A 131 -37.35 9.44 -25.74
CA ASN A 131 -36.94 9.60 -27.12
C ASN A 131 -36.63 8.24 -27.70
N VAL A 132 -36.96 8.04 -28.97
CA VAL A 132 -36.65 6.81 -29.67
C VAL A 132 -36.00 7.11 -31.00
N TRP A 133 -34.92 6.42 -31.32
CA TRP A 133 -34.26 6.49 -32.61
C TRP A 133 -34.25 5.09 -33.25
N THR A 134 -34.55 5.01 -34.54
CA THR A 134 -34.49 3.75 -35.25
C THR A 134 -33.95 3.98 -36.64
N PRO A 135 -33.50 2.92 -37.29
CA PRO A 135 -33.23 2.99 -38.73
C PRO A 135 -34.38 3.57 -39.53
N TYR A 136 -34.03 4.05 -40.72
CA TYR A 136 -35.00 4.52 -41.70
C TYR A 136 -34.67 3.82 -43.00
N PRO A 137 -35.60 3.04 -43.51
CA PRO A 137 -36.88 2.75 -42.83
C PRO A 137 -36.75 1.89 -41.59
N ARG A 138 -37.79 1.91 -40.76
CA ARG A 138 -37.88 1.07 -39.56
C ARG A 138 -37.60 -0.40 -39.86
N PRO A 139 -36.82 -1.05 -39.01
CA PRO A 139 -36.25 -2.38 -39.31
C PRO A 139 -37.28 -3.45 -39.65
N ALA A 140 -36.86 -4.41 -40.46
CA ALA A 140 -37.77 -5.47 -40.93
C ALA A 140 -38.14 -6.47 -39.80
N SER A 141 -37.10 -7.02 -39.19
CA SER A 141 -37.22 -7.98 -38.09
C SER A 141 -36.92 -7.25 -36.75
N PRO A 142 -37.33 -7.82 -35.62
CA PRO A 142 -37.14 -7.15 -34.33
C PRO A 142 -35.67 -6.93 -33.97
N THR A 143 -35.31 -5.68 -33.72
CA THR A 143 -33.93 -5.28 -33.45
C THR A 143 -33.66 -5.07 -31.97
N PRO A 144 -32.51 -5.50 -31.49
CA PRO A 144 -32.08 -5.22 -30.12
C PRO A 144 -32.11 -3.72 -29.75
N VAL A 145 -32.55 -3.46 -28.52
CA VAL A 145 -32.86 -2.13 -28.03
C VAL A 145 -31.84 -1.70 -26.98
N LEU A 146 -31.17 -0.56 -27.16
CA LEU A 146 -30.38 0.02 -26.10
C LEU A 146 -31.15 1.14 -25.40
N ILE A 147 -31.16 1.16 -24.06
CA ILE A 147 -31.79 2.26 -23.33
C ILE A 147 -30.76 3.03 -22.53
N TRP A 148 -30.62 4.31 -22.82
CA TRP A 148 -29.64 5.13 -22.15
C TRP A 148 -30.24 5.82 -20.94
N ILE A 149 -29.48 5.85 -19.85
CA ILE A 149 -29.82 6.57 -18.64
C ILE A 149 -28.71 7.57 -18.31
N TYR A 150 -28.98 8.86 -18.47
CA TYR A 150 -27.97 9.86 -18.21
C TYR A 150 -27.50 9.94 -16.77
N GLY A 151 -26.29 10.46 -16.59
CA GLY A 151 -25.77 10.85 -15.30
C GLY A 151 -25.98 12.33 -15.04
N GLY A 152 -25.26 12.82 -14.01
CA GLY A 152 -25.42 14.16 -13.47
C GLY A 152 -25.64 14.23 -11.94
N GLY A 153 -25.05 13.28 -11.22
CA GLY A 153 -25.07 13.28 -9.77
C GLY A 153 -26.47 13.17 -9.19
N PHE A 154 -27.39 12.62 -9.98
CA PHE A 154 -28.79 12.54 -9.57
C PHE A 154 -29.44 13.91 -9.30
N TYR A 155 -28.78 14.99 -9.69
CA TYR A 155 -29.31 16.34 -9.53
C TYR A 155 -29.42 17.10 -10.85
N SER A 156 -28.86 16.53 -11.90
CA SER A 156 -28.89 17.15 -13.22
C SER A 156 -28.90 16.09 -14.31
N GLY A 157 -28.99 16.56 -15.53
CA GLY A 157 -28.91 15.73 -16.71
C GLY A 157 -30.15 15.84 -17.57
N ALA A 158 -30.02 15.38 -18.79
CA ALA A 158 -31.12 15.44 -19.75
C ALA A 158 -30.87 14.44 -20.86
N ALA A 159 -31.93 13.83 -21.38
CA ALA A 159 -31.76 12.84 -22.43
C ALA A 159 -31.56 13.47 -23.79
N SER A 160 -31.66 14.80 -23.84
CA SER A 160 -31.64 15.58 -25.09
C SER A 160 -30.28 16.22 -25.42
N LEU A 161 -29.27 16.02 -24.60
CA LEU A 161 -27.96 16.59 -24.86
C LEU A 161 -27.33 16.03 -26.13
N ASP A 162 -26.49 16.81 -26.77
CA ASP A 162 -25.82 16.38 -28.00
C ASP A 162 -24.97 15.13 -27.83
N VAL A 163 -24.37 14.94 -26.66
CA VAL A 163 -23.53 13.75 -26.48
C VAL A 163 -24.32 12.48 -26.41
N TYR A 164 -25.62 12.58 -26.15
CA TYR A 164 -26.47 11.37 -26.07
C TYR A 164 -27.32 11.11 -27.35
N ASP A 165 -26.95 11.74 -28.45
CA ASP A 165 -27.68 11.68 -29.70
C ASP A 165 -27.62 10.27 -30.29
N GLY A 166 -28.78 9.63 -30.37
CA GLY A 166 -28.86 8.24 -30.79
C GLY A 166 -28.83 7.97 -32.27
N ARG A 167 -28.68 8.99 -33.11
CA ARG A 167 -28.79 8.81 -34.56
C ARG A 167 -27.67 7.95 -35.15
N PHE A 168 -26.47 8.01 -34.56
CA PHE A 168 -25.33 7.35 -35.20
C PHE A 168 -25.37 5.85 -34.94
N LEU A 169 -25.76 5.45 -33.74
CA LEU A 169 -25.93 4.04 -33.41
C LEU A 169 -27.09 3.44 -34.17
N ALA A 170 -28.13 4.24 -34.37
CA ALA A 170 -29.29 3.81 -35.14
C ALA A 170 -28.94 3.59 -36.61
N GLN A 171 -28.18 4.51 -37.20
CA GLN A 171 -27.89 4.47 -38.63
C GLN A 171 -26.82 3.41 -38.94
N VAL A 172 -25.73 3.45 -38.21
CA VAL A 172 -24.56 2.65 -38.54
C VAL A 172 -24.71 1.22 -38.05
N GLU A 173 -25.27 1.03 -36.86
CA GLU A 173 -25.39 -0.30 -36.27
C GLU A 173 -26.80 -0.87 -36.31
N GLY A 174 -27.76 -0.07 -36.78
CA GLY A 174 -29.13 -0.54 -36.90
C GLY A 174 -29.83 -0.67 -35.58
N ALA A 175 -29.34 -0.01 -34.55
CA ALA A 175 -29.91 -0.12 -33.21
C ALA A 175 -31.19 0.68 -33.05
N VAL A 176 -32.03 0.23 -32.14
CA VAL A 176 -33.14 1.01 -31.66
C VAL A 176 -32.67 1.50 -30.33
N LEU A 177 -32.60 2.82 -30.19
CA LEU A 177 -32.08 3.44 -29.01
C LEU A 177 -33.14 4.30 -28.35
N VAL A 178 -33.29 4.13 -27.05
CA VAL A 178 -34.28 4.83 -26.28
C VAL A 178 -33.59 5.52 -25.14
N SER A 179 -33.91 6.80 -24.94
CA SER A 179 -33.46 7.51 -23.73
C SER A 179 -34.64 8.20 -23.07
N MET A 180 -34.63 8.26 -21.74
CA MET A 180 -35.71 8.92 -21.00
C MET A 180 -35.19 10.02 -20.08
N ASN A 181 -36.04 10.99 -19.84
CA ASN A 181 -35.87 11.99 -18.78
C ASN A 181 -36.44 11.38 -17.51
N TYR A 182 -35.75 11.58 -16.39
CA TYR A 182 -36.20 11.17 -15.08
C TYR A 182 -35.91 12.31 -14.12
N ARG A 183 -36.72 12.40 -13.08
CA ARG A 183 -36.62 13.52 -12.15
C ARG A 183 -35.34 13.44 -11.36
N VAL A 184 -34.74 14.60 -11.16
CA VAL A 184 -33.50 14.72 -10.42
C VAL A 184 -33.68 15.70 -9.26
N GLY A 185 -32.68 15.72 -8.39
CA GLY A 185 -32.67 16.60 -7.24
C GLY A 185 -33.79 16.27 -6.29
N THR A 186 -34.27 17.30 -5.62
CA THR A 186 -35.39 17.13 -4.71
C THR A 186 -36.57 16.44 -5.41
N PHE A 187 -36.83 16.84 -6.63
CA PHE A 187 -38.06 16.39 -7.31
C PHE A 187 -38.01 14.90 -7.53
N GLY A 188 -36.81 14.37 -7.77
CA GLY A 188 -36.63 12.95 -7.96
C GLY A 188 -36.30 12.13 -6.73
N PHE A 189 -35.68 12.71 -5.70
CA PHE A 189 -35.07 11.90 -4.64
C PHE A 189 -35.25 12.41 -3.22
N LEU A 190 -35.91 13.54 -3.04
CA LEU A 190 -36.21 13.99 -1.68
C LEU A 190 -37.15 12.98 -1.05
N ALA A 191 -36.80 12.48 0.11
CA ALA A 191 -37.54 11.39 0.72
C ALA A 191 -37.75 11.63 2.19
N LEU A 192 -39.00 11.46 2.63
CA LEU A 192 -39.30 11.23 4.04
C LEU A 192 -39.70 9.76 4.18
N PRO A 193 -38.70 8.88 4.32
CA PRO A 193 -38.92 7.45 4.17
C PRO A 193 -39.98 6.93 5.12
N GLY A 194 -40.90 6.10 4.64
CA GLY A 194 -42.02 5.64 5.45
C GLY A 194 -43.29 6.39 5.15
N SER A 195 -43.19 7.60 4.61
CA SER A 195 -44.36 8.41 4.26
C SER A 195 -45.06 7.98 2.97
N ARG A 196 -46.32 8.40 2.85
CA ARG A 196 -47.10 8.21 1.63
C ARG A 196 -46.68 9.22 0.53
N GLU A 197 -46.34 10.43 0.98
CA GLU A 197 -46.29 11.62 0.15
C GLU A 197 -44.93 11.98 -0.39
N ALA A 198 -43.90 11.37 0.16
CA ALA A 198 -42.54 11.50 -0.33
C ALA A 198 -41.75 10.22 -0.03
N PRO A 199 -42.12 9.12 -0.67
CA PRO A 199 -41.55 7.81 -0.34
C PRO A 199 -40.09 7.58 -0.74
N GLY A 200 -39.52 8.44 -1.57
CA GLY A 200 -38.15 8.23 -2.02
C GLY A 200 -38.06 7.47 -3.34
N ASN A 201 -36.92 7.63 -4.00
CA ASN A 201 -36.56 6.90 -5.21
C ASN A 201 -37.51 7.10 -6.43
N VAL A 202 -38.29 8.18 -6.45
CA VAL A 202 -39.28 8.36 -7.54
C VAL A 202 -38.61 8.61 -8.88
N GLY A 203 -37.41 9.16 -8.88
CA GLY A 203 -36.65 9.29 -10.12
C GLY A 203 -36.26 7.93 -10.70
N LEU A 204 -35.96 6.98 -9.83
CA LEU A 204 -35.67 5.62 -10.28
C LEU A 204 -36.93 4.97 -10.80
N LEU A 205 -38.06 5.32 -10.17
CA LEU A 205 -39.37 4.86 -10.61
C LEU A 205 -39.75 5.44 -11.96
N ASP A 206 -39.30 6.64 -12.29
CA ASP A 206 -39.54 7.24 -13.60
C ASP A 206 -38.83 6.38 -14.63
N GLN A 207 -37.56 6.07 -14.35
CA GLN A 207 -36.77 5.22 -15.20
C GLN A 207 -37.48 3.88 -15.43
N ARG A 208 -37.99 3.32 -14.33
CA ARG A 208 -38.64 2.02 -14.37
C ARG A 208 -39.89 2.05 -15.28
N LEU A 209 -40.65 3.13 -15.17
CA LEU A 209 -41.84 3.33 -15.97
C LEU A 209 -41.51 3.42 -17.46
N ALA A 210 -40.42 4.11 -17.81
CA ALA A 210 -39.94 4.15 -19.19
C ALA A 210 -39.51 2.78 -19.63
N LEU A 211 -38.93 1.99 -18.73
CA LEU A 211 -38.57 0.60 -19.08
C LEU A 211 -39.85 -0.18 -19.39
N GLN A 212 -40.89 -0.01 -18.58
CA GLN A 212 -42.20 -0.67 -18.85
C GLN A 212 -42.81 -0.23 -20.18
N TRP A 213 -42.63 1.05 -20.50
CA TRP A 213 -43.11 1.61 -21.74
C TRP A 213 -42.40 0.98 -22.95
N VAL A 214 -41.12 0.66 -22.80
CA VAL A 214 -40.38 0.00 -23.86
C VAL A 214 -40.92 -1.40 -24.01
N GLN A 215 -41.17 -2.12 -22.90
CA GLN A 215 -41.72 -3.46 -22.97
C GLN A 215 -43.02 -3.50 -23.76
N GLU A 216 -43.91 -2.55 -23.48
CA GLU A 216 -45.22 -2.58 -24.11
C GLU A 216 -45.22 -2.02 -25.53
N ASN A 217 -44.35 -1.06 -25.85
CA ASN A 217 -44.49 -0.30 -27.10
C ASN A 217 -43.37 -0.41 -28.12
N ILE A 218 -42.17 -0.78 -27.70
CA ILE A 218 -41.03 -0.68 -28.61
C ILE A 218 -41.16 -1.52 -29.90
N ALA A 219 -41.95 -2.59 -29.87
CA ALA A 219 -42.17 -3.41 -31.05
C ALA A 219 -42.89 -2.66 -32.17
N ALA A 220 -43.72 -1.67 -31.81
CA ALA A 220 -44.25 -0.72 -32.79
C ALA A 220 -43.17 -0.04 -33.62
N PHE A 221 -41.96 0.08 -33.10
CA PHE A 221 -40.88 0.79 -33.78
C PHE A 221 -39.90 -0.18 -34.38
N GLY A 222 -40.18 -1.47 -34.24
CA GLY A 222 -39.27 -2.51 -34.71
C GLY A 222 -38.25 -3.00 -33.70
N GLY A 223 -38.33 -2.54 -32.47
CA GLY A 223 -37.42 -3.00 -31.45
C GLY A 223 -37.92 -4.29 -30.83
N ASP A 224 -36.99 -5.07 -30.27
CA ASP A 224 -37.26 -6.38 -29.70
C ASP A 224 -37.29 -6.27 -28.18
N PRO A 225 -38.47 -6.37 -27.59
CA PRO A 225 -38.57 -6.29 -26.13
C PRO A 225 -37.90 -7.47 -25.42
N MET A 226 -37.62 -8.56 -26.13
CA MET A 226 -36.88 -9.69 -25.58
C MET A 226 -35.38 -9.46 -25.48
N SER A 227 -34.91 -8.32 -26.00
CA SER A 227 -33.48 -8.03 -26.05
C SER A 227 -33.29 -6.54 -25.82
N VAL A 228 -33.17 -6.17 -24.54
CA VAL A 228 -33.09 -4.79 -24.07
C VAL A 228 -31.89 -4.65 -23.16
N THR A 229 -30.94 -3.83 -23.57
CA THR A 229 -29.72 -3.62 -22.82
C THR A 229 -29.80 -2.21 -22.23
N LEU A 230 -29.63 -2.06 -20.91
CA LEU A 230 -29.54 -0.75 -20.29
C LEU A 230 -28.12 -0.29 -20.35
N PHE A 231 -27.90 0.99 -20.58
CA PHE A 231 -26.57 1.52 -20.42
C PHE A 231 -26.58 2.94 -19.93
N GLY A 232 -25.59 3.29 -19.14
CA GLY A 232 -25.58 4.58 -18.48
C GLY A 232 -24.18 4.95 -18.02
N GLU A 233 -24.02 6.20 -17.66
CA GLU A 233 -22.75 6.65 -17.16
C GLU A 233 -22.92 7.55 -15.94
N SER A 234 -21.97 7.46 -15.00
CA SER A 234 -21.99 8.17 -13.74
C SER A 234 -23.27 7.79 -12.95
N ALA A 235 -24.08 8.75 -12.49
CA ALA A 235 -25.32 8.39 -11.81
C ALA A 235 -26.24 7.51 -12.68
N GLY A 236 -26.05 7.61 -14.00
CA GLY A 236 -26.74 6.77 -14.95
C GLY A 236 -26.35 5.32 -14.75
N ALA A 237 -25.05 5.11 -14.59
CA ALA A 237 -24.52 3.78 -14.34
C ALA A 237 -25.00 3.27 -13.00
N ALA A 238 -25.06 4.14 -11.99
CA ALA A 238 -25.52 3.69 -10.69
C ALA A 238 -26.98 3.30 -10.75
N SER A 239 -27.73 4.03 -11.56
CA SER A 239 -29.13 3.78 -11.80
C SER A 239 -29.31 2.39 -12.42
N VAL A 240 -28.53 2.09 -13.45
CA VAL A 240 -28.55 0.78 -14.08
C VAL A 240 -28.30 -0.32 -13.04
N GLY A 241 -27.33 -0.08 -12.17
CA GLY A 241 -26.98 -1.02 -11.13
C GLY A 241 -28.12 -1.20 -10.16
N MET A 242 -28.82 -0.11 -9.86
CA MET A 242 -29.99 -0.20 -9.04
C MET A 242 -31.12 -1.02 -9.65
N HIS A 243 -31.29 -0.92 -10.96
CA HIS A 243 -32.25 -1.80 -11.64
C HIS A 243 -31.79 -3.29 -11.58
N ILE A 244 -30.50 -3.53 -11.65
CA ILE A 244 -30.00 -4.90 -11.49
C ILE A 244 -30.37 -5.42 -10.09
N LEU A 245 -30.36 -4.54 -9.09
CA LEU A 245 -30.52 -4.95 -7.70
C LEU A 245 -31.95 -4.88 -7.19
N SER A 246 -32.89 -4.50 -8.05
CA SER A 246 -34.29 -4.31 -7.65
C SER A 246 -35.17 -5.20 -8.48
N LEU A 247 -35.86 -6.13 -7.85
CA LEU A 247 -36.56 -7.21 -8.56
C LEU A 247 -37.58 -6.77 -9.59
N PRO A 248 -38.48 -5.85 -9.26
CA PRO A 248 -39.46 -5.41 -10.27
C PRO A 248 -38.81 -4.86 -11.55
N SER A 249 -37.59 -4.33 -11.51
CA SER A 249 -36.89 -3.87 -12.73
C SER A 249 -36.31 -5.00 -13.56
N ARG A 250 -36.06 -6.14 -12.92
CA ARG A 250 -35.28 -7.23 -13.53
C ARG A 250 -35.90 -7.89 -14.73
N SER A 251 -37.22 -7.92 -14.79
CA SER A 251 -37.95 -8.49 -15.93
C SER A 251 -38.02 -7.56 -17.16
N LEU A 252 -37.51 -6.32 -17.04
CA LEU A 252 -37.66 -5.29 -18.05
C LEU A 252 -36.41 -5.09 -18.87
N PHE A 253 -35.37 -5.88 -18.60
CA PHE A 253 -34.13 -5.83 -19.38
C PHE A 253 -33.35 -7.12 -19.23
N HIS A 254 -32.40 -7.33 -20.12
CA HIS A 254 -31.63 -8.56 -20.17
C HIS A 254 -30.14 -8.40 -19.95
N ARG A 255 -29.61 -7.20 -20.13
CA ARG A 255 -28.18 -6.95 -20.12
C ARG A 255 -27.90 -5.51 -19.65
N ALA A 256 -26.72 -5.26 -19.13
CA ALA A 256 -26.45 -3.95 -18.56
C ALA A 256 -25.02 -3.50 -18.80
N VAL A 257 -24.86 -2.20 -19.03
CA VAL A 257 -23.59 -1.56 -19.15
C VAL A 257 -23.55 -0.42 -18.12
N LEU A 258 -22.51 -0.42 -17.28
CA LEU A 258 -22.29 0.58 -16.26
C LEU A 258 -20.97 1.27 -16.53
N GLN A 259 -21.03 2.54 -16.92
CA GLN A 259 -19.85 3.31 -17.26
C GLN A 259 -19.54 4.32 -16.15
N SER A 260 -18.41 4.15 -15.47
CA SER A 260 -17.90 5.14 -14.55
C SER A 260 -18.91 5.43 -13.44
N GLY A 261 -19.55 4.37 -12.97
CA GLY A 261 -20.50 4.51 -11.88
C GLY A 261 -21.06 3.21 -11.41
N THR A 262 -21.57 3.17 -10.18
CA THR A 262 -22.03 1.94 -9.59
C THR A 262 -23.07 2.19 -8.52
N PRO A 263 -23.94 1.24 -8.20
CA PRO A 263 -24.91 1.43 -7.11
C PRO A 263 -24.26 1.36 -5.72
N ASN A 264 -23.21 0.54 -5.59
CA ASN A 264 -22.38 0.51 -4.40
C ASN A 264 -21.48 1.71 -4.41
N GLY A 265 -20.77 1.94 -3.31
CA GLY A 265 -19.88 3.08 -3.22
C GLY A 265 -20.46 4.22 -2.39
N PRO A 266 -19.67 5.25 -2.15
CA PRO A 266 -19.98 6.23 -1.12
C PRO A 266 -21.01 7.31 -1.47
N TRP A 267 -21.37 7.44 -2.74
CA TRP A 267 -22.18 8.59 -3.19
C TRP A 267 -23.56 8.28 -3.78
N ALA A 268 -23.76 7.07 -4.27
CA ALA A 268 -24.97 6.74 -5.01
C ALA A 268 -26.18 6.49 -4.16
N THR A 269 -26.00 6.22 -2.86
CA THR A 269 -27.15 6.10 -1.95
C THR A 269 -26.95 6.79 -0.61
N VAL A 270 -28.05 6.90 0.13
CA VAL A 270 -28.04 7.35 1.49
C VAL A 270 -28.97 6.42 2.27
N SER A 271 -28.74 6.31 3.58
CA SER A 271 -29.63 5.60 4.46
C SER A 271 -30.92 6.39 4.58
N ALA A 272 -31.98 5.74 5.01
CA ALA A 272 -33.25 6.37 5.30
C ALA A 272 -33.06 7.50 6.28
N GLY A 273 -32.32 7.25 7.34
CA GLY A 273 -32.13 8.26 8.37
C GLY A 273 -31.52 9.52 7.82
N GLU A 274 -30.55 9.34 6.93
CA GLU A 274 -29.82 10.46 6.37
C GLU A 274 -30.71 11.19 5.38
N ALA A 275 -31.52 10.48 4.60
CA ALA A 275 -32.44 11.16 3.67
C ALA A 275 -33.48 11.97 4.43
N ARG A 276 -33.98 11.43 5.55
CA ARG A 276 -34.96 12.11 6.35
C ARG A 276 -34.36 13.41 6.83
N ARG A 277 -33.14 13.32 7.30
CA ARG A 277 -32.42 14.43 7.87
C ARG A 277 -32.21 15.56 6.84
N ARG A 278 -31.82 15.21 5.63
CA ARG A 278 -31.64 16.17 4.55
C ARG A 278 -32.95 16.78 4.08
N ALA A 279 -33.99 15.97 4.00
CA ALA A 279 -35.29 16.45 3.55
C ALA A 279 -35.84 17.44 4.54
N THR A 280 -35.72 17.16 5.82
CA THR A 280 -36.34 18.04 6.78
C THR A 280 -35.48 19.29 6.98
N LEU A 281 -34.17 19.17 6.75
CA LEU A 281 -33.32 20.35 6.79
C LEU A 281 -33.64 21.28 5.61
N LEU A 282 -33.89 20.70 4.43
CA LEU A 282 -34.22 21.51 3.27
C LEU A 282 -35.55 22.22 3.50
N ALA A 283 -36.49 21.52 4.10
CA ALA A 283 -37.77 22.10 4.44
C ALA A 283 -37.57 23.30 5.35
N ARG A 284 -36.75 23.16 6.40
CA ARG A 284 -36.47 24.29 7.31
C ARG A 284 -35.94 25.48 6.49
N LEU A 285 -35.02 25.20 5.58
CA LEU A 285 -34.32 26.25 4.85
C LEU A 285 -35.21 27.05 3.91
N VAL A 286 -36.32 26.48 3.44
CA VAL A 286 -37.31 27.20 2.60
C VAL A 286 -38.60 27.59 3.37
N GLY A 287 -38.59 27.40 4.70
CA GLY A 287 -39.64 27.88 5.56
C GLY A 287 -40.76 26.91 5.81
N CYS A 288 -40.46 25.69 6.28
CA CYS A 288 -41.39 24.56 6.31
C CYS A 288 -41.02 23.63 7.50
N PRO A 289 -41.54 23.78 8.72
CA PRO A 289 -42.72 24.56 9.14
C PRO A 289 -43.82 24.89 8.16
N GLY A 295 -44.46 17.92 14.30
CA GLY A 295 -44.57 18.37 12.91
C GLY A 295 -44.49 17.19 11.87
N ASN A 296 -45.57 16.39 11.81
CA ASN A 296 -45.64 15.16 10.97
C ASN A 296 -45.38 15.35 9.45
N ASP A 297 -45.23 14.25 8.74
CA ASP A 297 -44.74 14.30 7.36
C ASP A 297 -45.68 14.93 6.35
N THR A 298 -46.96 14.64 6.44
CA THR A 298 -47.93 15.20 5.51
C THR A 298 -47.85 16.72 5.47
N GLU A 299 -47.82 17.34 6.63
CA GLU A 299 -47.82 18.81 6.79
C GLU A 299 -46.58 19.40 6.09
N LEU A 300 -45.44 18.77 6.36
CA LEU A 300 -44.17 19.23 5.88
C LEU A 300 -44.08 19.15 4.35
N ILE A 301 -44.57 18.06 3.76
CA ILE A 301 -44.49 17.88 2.32
C ILE A 301 -45.49 18.76 1.62
N ALA A 302 -46.65 18.94 2.23
CA ALA A 302 -47.67 19.81 1.67
C ALA A 302 -47.13 21.23 1.48
N CYS A 303 -46.29 21.65 2.40
CA CYS A 303 -45.71 22.98 2.38
C CYS A 303 -44.54 23.02 1.34
N LEU A 304 -43.72 21.99 1.32
CA LEU A 304 -42.74 21.86 0.23
C LEU A 304 -43.39 21.89 -1.15
N ARG A 305 -44.63 21.40 -1.26
CA ARG A 305 -45.34 21.36 -2.54
C ARG A 305 -45.83 22.73 -2.99
N THR A 306 -45.94 23.66 -2.05
CA THR A 306 -46.34 25.02 -2.37
C THR A 306 -45.15 25.88 -2.74
N ARG A 307 -43.95 25.34 -2.64
CA ARG A 307 -42.77 26.13 -2.93
C ARG A 307 -42.45 26.08 -4.43
N PRO A 308 -41.99 27.20 -4.98
CA PRO A 308 -41.56 27.27 -6.37
C PRO A 308 -40.36 26.32 -6.61
N ALA A 309 -40.31 25.66 -7.74
CA ALA A 309 -39.23 24.71 -7.99
C ALA A 309 -37.82 25.30 -7.77
N GLN A 310 -37.64 26.57 -8.13
CA GLN A 310 -36.34 27.22 -8.05
C GLN A 310 -35.95 27.51 -6.61
N ASP A 311 -36.90 27.71 -5.69
CA ASP A 311 -36.54 27.74 -4.27
C ASP A 311 -35.86 26.43 -3.83
N LEU A 312 -36.39 25.29 -4.25
CA LEU A 312 -35.84 24.01 -3.80
C LEU A 312 -34.42 23.86 -4.33
N VAL A 313 -34.21 24.23 -5.59
CA VAL A 313 -32.89 24.12 -6.22
C VAL A 313 -31.89 25.10 -5.56
N ASP A 314 -32.36 26.29 -5.19
CA ASP A 314 -31.51 27.30 -4.56
C ASP A 314 -30.94 26.86 -3.22
N HIS A 315 -31.54 25.86 -2.55
CA HIS A 315 -31.05 25.37 -1.24
C HIS A 315 -30.61 23.93 -1.23
N GLU A 316 -30.80 23.26 -2.33
CA GLU A 316 -30.43 21.86 -2.51
C GLU A 316 -29.05 21.49 -1.97
N TRP A 317 -28.10 22.33 -2.27
CA TRP A 317 -26.72 22.05 -1.97
C TRP A 317 -26.38 22.26 -0.48
N HIS A 318 -27.19 23.05 0.22
CA HIS A 318 -26.95 23.36 1.61
C HIS A 318 -27.21 22.24 2.62
N VAL A 319 -27.70 21.07 2.21
CA VAL A 319 -28.04 20.03 3.18
C VAL A 319 -26.96 18.96 3.38
N LEU A 320 -25.83 19.07 2.68
CA LEU A 320 -24.75 18.07 2.79
C LEU A 320 -24.05 18.18 4.14
N PRO A 321 -23.76 17.06 4.77
CA PRO A 321 -23.28 17.07 6.15
C PRO A 321 -21.87 17.63 6.35
N GLN A 322 -21.04 17.61 5.31
CA GLN A 322 -19.67 18.15 5.33
C GLN A 322 -19.34 18.85 4.03
N GLU A 323 -18.30 19.68 4.04
CA GLU A 323 -17.68 20.19 2.83
C GLU A 323 -17.19 18.95 2.08
N SER A 324 -17.49 18.86 0.79
CA SER A 324 -17.19 17.61 0.08
C SER A 324 -17.27 17.73 -1.41
N ILE A 325 -16.54 16.87 -2.11
CA ILE A 325 -16.74 16.68 -3.53
C ILE A 325 -17.19 15.27 -3.76
N PHE A 326 -17.74 15.04 -4.95
CA PHE A 326 -18.38 13.77 -5.33
C PHE A 326 -19.42 13.33 -4.30
N ARG A 327 -20.16 14.31 -3.77
CA ARG A 327 -21.34 14.01 -2.94
C ARG A 327 -22.49 14.90 -3.39
N PHE A 328 -23.68 14.32 -3.39
CA PHE A 328 -24.86 14.97 -3.92
C PHE A 328 -25.96 14.80 -2.87
N SER A 329 -26.82 15.79 -2.79
CA SER A 329 -27.74 15.95 -1.69
C SER A 329 -28.92 14.99 -1.72
N PHE A 330 -29.46 14.74 -2.91
CA PHE A 330 -30.67 13.93 -3.03
C PHE A 330 -30.42 12.83 -4.03
N VAL A 331 -30.13 11.66 -3.48
CA VAL A 331 -29.81 10.47 -4.26
C VAL A 331 -30.71 9.31 -3.83
N PRO A 332 -30.65 8.19 -4.53
CA PRO A 332 -31.43 7.03 -4.10
C PRO A 332 -31.25 6.72 -2.62
N VAL A 333 -32.35 6.33 -2.00
CA VAL A 333 -32.37 5.99 -0.57
C VAL A 333 -32.62 4.48 -0.38
N VAL A 334 -32.00 3.92 0.66
CA VAL A 334 -32.19 2.53 1.05
C VAL A 334 -33.45 2.51 1.86
N ASP A 335 -34.55 2.28 1.14
CA ASP A 335 -35.90 2.45 1.65
C ASP A 335 -36.51 1.18 2.19
N GLY A 336 -35.90 0.04 1.90
CA GLY A 336 -36.50 -1.28 2.20
C GLY A 336 -37.50 -1.77 1.14
N ASP A 337 -37.70 -0.95 0.10
CA ASP A 337 -38.67 -1.17 -0.98
C ASP A 337 -37.96 -1.33 -2.34
N PHE A 338 -37.70 -0.25 -3.07
CA PHE A 338 -36.92 -0.31 -4.31
C PHE A 338 -35.57 -1.01 -4.05
N LEU A 339 -34.88 -0.56 -3.02
CA LEU A 339 -33.68 -1.23 -2.52
C LEU A 339 -33.96 -1.93 -1.18
N SER A 340 -33.96 -3.26 -1.19
CA SER A 340 -34.37 -4.03 -0.02
C SER A 340 -33.33 -3.98 1.07
N ASP A 341 -32.10 -3.70 0.68
CA ASP A 341 -30.97 -3.51 1.60
C ASP A 341 -29.96 -2.55 0.94
N THR A 342 -28.82 -2.30 1.58
CA THR A 342 -27.80 -1.50 0.96
C THR A 342 -27.33 -2.21 -0.30
N PRO A 343 -26.89 -1.46 -1.31
CA PRO A 343 -26.28 -2.06 -2.49
C PRO A 343 -25.13 -3.03 -2.17
N GLU A 344 -24.34 -2.71 -1.15
CA GLU A 344 -23.23 -3.57 -0.74
C GLU A 344 -23.73 -4.95 -0.29
N ALA A 345 -24.77 -4.98 0.55
CA ALA A 345 -25.35 -6.24 0.99
C ALA A 345 -26.00 -7.00 -0.17
N LEU A 346 -26.56 -6.29 -1.14
CA LEU A 346 -27.29 -6.94 -2.23
C LEU A 346 -26.35 -7.54 -3.27
N ILE A 347 -25.23 -6.89 -3.55
CA ILE A 347 -24.24 -7.47 -4.45
C ILE A 347 -23.47 -8.62 -3.77
N ASN A 348 -23.36 -8.61 -2.43
CA ASN A 348 -22.62 -9.69 -1.74
C ASN A 348 -23.43 -10.98 -1.69
N THR A 349 -24.76 -10.90 -1.67
CA THR A 349 -25.61 -12.07 -1.51
C THR A 349 -26.46 -12.38 -2.74
N GLY A 350 -26.39 -11.55 -3.76
CA GLY A 350 -27.25 -11.71 -4.93
C GLY A 350 -26.81 -12.89 -5.78
N ASP A 351 -27.78 -13.45 -6.50
CA ASP A 351 -27.54 -14.46 -7.50
C ASP A 351 -27.63 -13.81 -8.90
N PHE A 352 -26.50 -13.68 -9.59
CA PHE A 352 -26.47 -13.00 -10.88
C PHE A 352 -26.13 -13.94 -12.02
N GLN A 353 -26.73 -15.13 -11.98
CA GLN A 353 -26.39 -16.24 -12.85
C GLN A 353 -26.68 -15.96 -14.33
N ASP A 354 -27.83 -15.38 -14.64
CA ASP A 354 -28.18 -15.23 -16.04
C ASP A 354 -28.03 -13.76 -16.51
N LEU A 355 -27.00 -13.09 -16.00
CA LEU A 355 -26.79 -11.67 -16.25
C LEU A 355 -25.47 -11.42 -16.96
N GLN A 356 -25.48 -10.58 -18.00
CA GLN A 356 -24.23 -10.15 -18.63
C GLN A 356 -24.05 -8.64 -18.44
N VAL A 357 -22.86 -8.22 -18.02
CA VAL A 357 -22.57 -6.82 -17.75
C VAL A 357 -21.24 -6.39 -18.34
N LEU A 358 -21.24 -5.19 -18.88
CA LEU A 358 -20.03 -4.53 -19.33
C LEU A 358 -19.83 -3.35 -18.39
N VAL A 359 -18.63 -3.22 -17.83
CA VAL A 359 -18.34 -2.16 -16.88
C VAL A 359 -16.99 -1.58 -17.20
N GLY A 360 -16.77 -0.34 -16.83
CA GLY A 360 -15.45 0.23 -16.92
C GLY A 360 -15.37 1.66 -16.42
N VAL A 361 -14.23 2.28 -16.67
CA VAL A 361 -13.87 3.57 -16.12
C VAL A 361 -13.01 4.33 -17.11
N VAL A 362 -12.87 5.63 -16.91
CA VAL A 362 -11.92 6.42 -17.71
C VAL A 362 -10.62 6.64 -16.96
N LYS A 363 -9.59 7.07 -17.69
CA LYS A 363 -8.24 7.15 -17.12
C LYS A 363 -8.18 8.06 -15.90
N ASP A 364 -9.00 9.11 -15.87
CA ASP A 364 -8.89 10.15 -14.85
C ASP A 364 -10.26 10.52 -14.26
N GLU A 365 -10.88 9.56 -13.61
CA GLU A 365 -12.21 9.75 -13.08
C GLU A 365 -12.35 10.98 -12.15
N GLY A 366 -11.35 11.25 -11.32
CA GLY A 366 -11.48 12.27 -10.32
C GLY A 366 -11.09 13.68 -10.71
N SER A 367 -10.37 13.85 -11.79
CA SER A 367 -9.69 15.10 -12.05
C SER A 367 -10.63 16.31 -12.00
N TYR A 368 -11.83 16.14 -12.54
CA TYR A 368 -12.76 17.22 -12.76
C TYR A 368 -13.36 17.74 -11.46
N PHE A 369 -13.63 16.83 -10.55
CA PHE A 369 -14.26 17.16 -9.29
C PHE A 369 -13.35 18.02 -8.43
N LEU A 370 -12.09 18.14 -8.80
CA LEU A 370 -11.17 18.95 -8.04
C LEU A 370 -11.33 20.44 -8.26
N VAL A 371 -11.72 20.85 -9.46
CA VAL A 371 -11.81 22.28 -9.79
C VAL A 371 -13.05 22.86 -9.17
N TYR A 372 -13.98 21.98 -8.84
CA TYR A 372 -15.16 22.44 -8.13
C TYR A 372 -14.75 22.85 -6.70
N GLY A 373 -14.49 21.90 -5.80
CA GLY A 373 -14.33 22.27 -4.40
C GLY A 373 -13.00 22.21 -3.69
N VAL A 374 -11.92 21.92 -4.40
CA VAL A 374 -10.64 21.79 -3.69
C VAL A 374 -9.72 23.01 -3.89
N PRO A 375 -9.33 23.66 -2.80
CA PRO A 375 -8.43 24.79 -2.93
C PRO A 375 -7.11 24.35 -3.56
N GLY A 376 -6.63 25.14 -4.52
CA GLY A 376 -5.42 24.85 -5.26
C GLY A 376 -5.66 24.50 -6.72
N PHE A 377 -6.87 24.06 -7.07
CA PHE A 377 -7.15 23.49 -8.39
C PHE A 377 -7.94 24.45 -9.26
N SER A 378 -7.69 24.42 -10.55
CA SER A 378 -8.37 25.28 -11.55
C SER A 378 -8.21 24.69 -12.97
N LYS A 379 -9.17 24.99 -13.84
CA LYS A 379 -9.04 24.61 -15.24
C LYS A 379 -8.05 25.49 -15.99
N ASP A 380 -7.79 26.68 -15.47
CA ASP A 380 -6.98 27.70 -16.16
C ASP A 380 -5.47 27.71 -15.83
N ASN A 381 -5.04 26.91 -14.84
CA ASN A 381 -3.61 26.68 -14.57
C ASN A 381 -3.30 25.20 -14.37
N GLU A 382 -2.02 24.88 -14.23
CA GLU A 382 -1.52 23.50 -14.07
C GLU A 382 -1.90 22.84 -12.72
N SER A 383 -2.41 23.63 -11.79
CA SER A 383 -2.86 23.17 -10.50
C SER A 383 -1.80 22.34 -9.75
N LEU A 384 -0.56 22.80 -9.80
CA LEU A 384 0.50 22.21 -9.00
C LEU A 384 0.26 22.62 -7.56
N ILE A 385 0.12 21.65 -6.67
CA ILE A 385 -0.26 21.91 -5.28
C ILE A 385 0.76 21.45 -4.26
N SER A 386 0.59 21.96 -3.04
CA SER A 386 1.51 21.67 -1.95
C SER A 386 1.04 20.45 -1.19
N ARG A 387 1.89 19.99 -0.30
CA ARG A 387 1.53 18.86 0.50
C ARG A 387 0.38 19.23 1.46
N ALA A 388 0.36 20.45 1.97
CA ALA A 388 -0.75 20.88 2.85
C ALA A 388 -2.08 20.91 2.09
N GLN A 389 -2.04 21.38 0.85
CA GLN A 389 -3.24 21.44 0.02
C GLN A 389 -3.74 20.03 -0.28
N PHE A 390 -2.82 19.06 -0.31
CA PHE A 390 -3.17 17.68 -0.56
C PHE A 390 -3.89 17.06 0.65
N LEU A 391 -3.44 17.30 1.89
CA LEU A 391 -4.12 16.75 3.06
C LEU A 391 -5.49 17.39 3.22
N ALA A 392 -5.58 18.68 2.93
CA ALA A 392 -6.84 19.41 2.96
C ALA A 392 -7.81 18.85 1.94
N GLY A 393 -7.29 18.55 0.75
CA GLY A 393 -8.07 18.00 -0.33
C GLY A 393 -8.60 16.62 0.01
N VAL A 394 -7.79 15.83 0.73
CA VAL A 394 -8.16 14.48 1.10
C VAL A 394 -9.32 14.49 2.06
N ARG A 395 -9.36 15.45 3.00
CA ARG A 395 -10.47 15.59 3.95
C ARG A 395 -11.74 15.90 3.19
N ILE A 396 -11.63 16.68 2.13
CA ILE A 396 -12.79 17.02 1.32
C ILE A 396 -13.21 15.87 0.38
N GLY A 397 -12.22 15.17 -0.16
CA GLY A 397 -12.49 14.06 -1.08
C GLY A 397 -12.98 12.81 -0.36
N VAL A 398 -12.64 12.66 0.91
CA VAL A 398 -13.05 11.53 1.69
C VAL A 398 -13.62 12.12 2.96
N PRO A 399 -14.79 12.76 2.85
CA PRO A 399 -15.40 13.48 3.99
C PRO A 399 -15.83 12.64 5.17
N GLN A 400 -16.04 11.33 4.98
CA GLN A 400 -16.42 10.41 6.08
C GLN A 400 -15.22 9.99 6.92
N ALA A 401 -14.02 10.26 6.43
CA ALA A 401 -12.81 9.71 7.04
C ALA A 401 -12.44 10.45 8.31
N SER A 402 -12.15 9.67 9.34
CA SER A 402 -11.53 10.18 10.55
C SER A 402 -10.14 10.73 10.28
N ASP A 403 -9.52 11.30 11.29
CA ASP A 403 -8.14 11.77 11.20
C ASP A 403 -7.20 10.61 10.78
N LEU A 404 -7.43 9.46 11.40
CA LEU A 404 -6.61 8.28 11.18
C LEU A 404 -6.75 7.70 9.77
N ALA A 405 -7.99 7.61 9.30
CA ALA A 405 -8.25 7.13 7.94
C ALA A 405 -7.71 8.09 6.89
N ALA A 406 -7.76 9.39 7.15
CA ALA A 406 -7.23 10.39 6.22
C ALA A 406 -5.70 10.32 6.15
N GLU A 407 -5.06 9.97 7.27
CA GLU A 407 -3.63 9.77 7.26
C GLU A 407 -3.33 8.52 6.44
N ALA A 408 -4.15 7.48 6.58
CA ALA A 408 -3.93 6.26 5.82
C ALA A 408 -4.00 6.51 4.31
N VAL A 409 -4.96 7.33 3.88
CA VAL A 409 -5.08 7.67 2.45
C VAL A 409 -3.81 8.41 1.98
N VAL A 410 -3.44 9.42 2.74
CA VAL A 410 -2.32 10.27 2.40
C VAL A 410 -1.03 9.45 2.32
N LEU A 411 -0.87 8.54 3.27
CA LEU A 411 0.34 7.73 3.32
C LEU A 411 0.40 6.80 2.13
N HIS A 412 -0.75 6.23 1.78
CA HIS A 412 -0.83 5.32 0.66
C HIS A 412 -0.55 6.00 -0.67
N TYR A 413 -0.98 7.25 -0.80
CA TYR A 413 -0.96 7.91 -2.08
C TYR A 413 0.26 8.78 -2.21
N THR A 414 1.07 8.88 -1.15
CA THR A 414 2.29 9.67 -1.18
C THR A 414 3.35 8.89 -1.90
N ASP A 415 4.11 9.57 -2.73
CA ASP A 415 5.29 9.01 -3.33
C ASP A 415 6.41 9.38 -2.38
N TRP A 416 6.87 8.41 -1.59
CA TRP A 416 7.87 8.67 -0.54
C TRP A 416 9.28 9.00 -1.05
N LEU A 417 9.51 8.85 -2.35
CA LEU A 417 10.75 9.28 -3.01
C LEU A 417 10.76 10.76 -3.38
N HIS A 418 9.59 11.31 -3.69
CA HIS A 418 9.40 12.72 -3.93
C HIS A 418 8.10 13.16 -3.23
N PRO A 419 8.08 13.25 -1.90
CA PRO A 419 6.84 13.49 -1.16
C PRO A 419 6.35 14.94 -1.18
N GLU A 420 7.17 15.85 -1.69
CA GLU A 420 6.81 17.27 -1.73
C GLU A 420 6.55 17.69 -3.19
N ASP A 421 6.60 16.74 -4.12
CA ASP A 421 6.52 17.06 -5.55
C ASP A 421 5.09 17.47 -5.93
N PRO A 422 4.92 18.68 -6.42
CA PRO A 422 3.58 19.23 -6.67
C PRO A 422 2.85 18.64 -7.87
N THR A 423 3.54 18.12 -8.87
CA THR A 423 2.86 17.40 -9.94
C THR A 423 2.30 16.09 -9.42
N HIS A 424 3.10 15.32 -8.68
CA HIS A 424 2.63 14.03 -8.18
C HIS A 424 1.49 14.22 -7.20
N LEU A 425 1.57 15.26 -6.37
CA LEU A 425 0.49 15.56 -5.43
C LEU A 425 -0.84 15.89 -6.12
N ARG A 426 -0.76 16.71 -7.16
CA ARG A 426 -1.92 17.04 -7.94
C ARG A 426 -2.54 15.77 -8.47
N ASP A 427 -1.76 14.94 -9.15
CA ASP A 427 -2.26 13.69 -9.74
C ASP A 427 -2.76 12.70 -8.70
N ALA A 428 -2.20 12.75 -7.51
CA ALA A 428 -2.59 11.85 -6.46
C ALA A 428 -3.94 12.26 -5.89
N MET A 429 -4.11 13.58 -5.75
CA MET A 429 -5.39 14.13 -5.34
C MET A 429 -6.46 13.65 -6.28
N SER A 430 -6.15 13.65 -7.57
CA SER A 430 -7.11 13.23 -8.57
C SER A 430 -7.40 11.75 -8.46
N ALA A 431 -6.36 10.96 -8.23
CA ALA A 431 -6.50 9.51 -8.13
C ALA A 431 -7.30 9.12 -6.86
N VAL A 432 -7.13 9.86 -5.77
CA VAL A 432 -7.84 9.56 -4.53
C VAL A 432 -9.32 9.68 -4.79
N VAL A 433 -9.71 10.76 -5.47
CA VAL A 433 -11.12 11.04 -5.69
C VAL A 433 -11.70 10.04 -6.68
N GLY A 434 -10.95 9.78 -7.76
CA GLY A 434 -11.32 8.80 -8.75
C GLY A 434 -11.42 7.38 -8.22
N ASP A 435 -10.41 6.94 -7.48
CA ASP A 435 -10.38 5.58 -6.96
C ASP A 435 -11.51 5.34 -5.95
N HIS A 436 -11.71 6.28 -5.05
CA HIS A 436 -12.65 6.11 -3.95
C HIS A 436 -14.10 6.06 -4.46
N ASN A 437 -14.40 6.89 -5.45
CA ASN A 437 -15.78 7.09 -5.90
C ASN A 437 -16.19 6.27 -7.10
N VAL A 438 -15.23 5.89 -7.94
CA VAL A 438 -15.53 5.16 -9.18
C VAL A 438 -14.73 3.90 -9.39
N VAL A 439 -13.40 3.96 -9.44
CA VAL A 439 -12.61 2.82 -9.91
C VAL A 439 -12.73 1.62 -8.96
N CYS A 440 -12.61 1.87 -7.67
CA CYS A 440 -12.68 0.80 -6.68
C CYS A 440 -14.09 0.31 -6.43
N PRO A 441 -15.10 1.17 -6.44
CA PRO A 441 -16.47 0.67 -6.54
C PRO A 441 -16.69 -0.20 -7.77
N VAL A 442 -16.22 0.23 -8.93
CA VAL A 442 -16.37 -0.62 -10.13
C VAL A 442 -15.63 -1.96 -9.99
N ALA A 443 -14.45 -1.95 -9.41
CA ALA A 443 -13.70 -3.20 -9.20
C ALA A 443 -14.41 -4.16 -8.23
N GLN A 444 -14.87 -3.61 -7.13
CA GLN A 444 -15.71 -4.30 -6.17
C GLN A 444 -16.92 -4.93 -6.86
N LEU A 445 -17.64 -4.14 -7.67
CA LEU A 445 -18.84 -4.64 -8.33
C LEU A 445 -18.51 -5.78 -9.27
N ALA A 446 -17.52 -5.57 -10.14
CA ALA A 446 -17.08 -6.58 -11.11
C ALA A 446 -16.68 -7.91 -10.45
N GLY A 447 -16.00 -7.80 -9.31
CA GLY A 447 -15.57 -8.96 -8.56
C GLY A 447 -16.72 -9.72 -7.97
N ARG A 448 -17.70 -9.02 -7.42
CA ARG A 448 -18.84 -9.69 -6.81
C ARG A 448 -19.73 -10.33 -7.86
N LEU A 449 -20.07 -9.57 -8.88
CA LEU A 449 -20.90 -10.13 -9.95
C LEU A 449 -20.22 -11.41 -10.52
N ALA A 450 -18.94 -11.33 -10.87
CA ALA A 450 -18.27 -12.49 -11.52
C ALA A 450 -18.23 -13.73 -10.60
N ALA A 451 -17.99 -13.48 -9.33
CA ALA A 451 -17.94 -14.52 -8.33
C ALA A 451 -19.30 -15.17 -8.08
N GLN A 452 -20.39 -14.44 -8.28
CA GLN A 452 -21.74 -14.97 -8.06
C GLN A 452 -22.52 -15.15 -9.35
N GLY A 453 -21.81 -15.52 -10.42
CA GLY A 453 -22.41 -16.05 -11.64
C GLY A 453 -22.54 -15.22 -12.91
N ALA A 454 -22.26 -13.92 -12.85
CA ALA A 454 -22.40 -13.06 -14.03
C ALA A 454 -21.28 -13.25 -15.00
N ARG A 455 -21.56 -12.91 -16.24
CA ARG A 455 -20.53 -12.77 -17.25
C ARG A 455 -20.24 -11.29 -17.22
N VAL A 456 -18.99 -10.95 -16.94
CA VAL A 456 -18.57 -9.56 -16.81
C VAL A 456 -17.46 -9.25 -17.78
N TYR A 457 -17.56 -8.14 -18.50
CA TYR A 457 -16.45 -7.62 -19.29
C TYR A 457 -16.10 -6.28 -18.71
N ALA A 458 -14.82 -5.94 -18.69
CA ALA A 458 -14.35 -4.73 -18.01
C ALA A 458 -13.39 -3.94 -18.87
N TYR A 459 -13.44 -2.62 -18.79
CA TYR A 459 -12.56 -1.77 -19.60
C TYR A 459 -12.02 -0.58 -18.82
N ILE A 460 -10.93 -0.03 -19.32
CA ILE A 460 -10.50 1.31 -18.96
C ILE A 460 -10.30 2.05 -20.28
N PHE A 461 -10.87 3.25 -20.34
CA PHE A 461 -10.92 4.07 -21.53
C PHE A 461 -9.86 5.12 -21.34
N GLU A 462 -8.90 5.20 -22.26
CA GLU A 462 -7.73 6.04 -22.05
C GLU A 462 -7.45 7.03 -23.14
N HIS A 463 -8.35 7.18 -24.09
CA HIS A 463 -8.16 8.17 -25.13
C HIS A 463 -8.78 9.51 -24.77
N ARG A 464 -7.97 10.55 -24.82
CA ARG A 464 -8.44 11.91 -24.62
C ARG A 464 -8.86 12.50 -25.95
N ALA A 465 -10.08 13.04 -26.02
CA ALA A 465 -10.61 13.58 -27.27
C ALA A 465 -9.69 14.69 -27.75
N SER A 466 -9.33 14.67 -29.04
CA SER A 466 -8.62 15.81 -29.66
C SER A 466 -9.40 17.14 -29.51
N THR A 467 -10.73 17.07 -29.37
CA THR A 467 -11.58 18.26 -29.28
C THR A 467 -11.78 18.78 -27.88
N LEU A 468 -11.15 18.15 -26.89
CA LEU A 468 -11.43 18.46 -25.48
C LEU A 468 -10.92 19.85 -25.10
N THR A 469 -11.67 20.55 -24.28
CA THR A 469 -11.39 21.94 -23.94
C THR A 469 -10.94 22.11 -22.51
N TRP A 470 -11.00 21.02 -21.72
CA TRP A 470 -10.41 20.98 -20.39
C TRP A 470 -8.90 20.87 -20.54
N PRO A 471 -8.16 21.30 -19.54
CA PRO A 471 -6.71 21.30 -19.64
C PRO A 471 -6.15 19.89 -19.64
N LEU A 472 -4.91 19.80 -20.12
CA LEU A 472 -4.18 18.56 -20.25
C LEU A 472 -4.07 17.79 -18.97
N TRP A 473 -3.90 18.50 -17.86
CA TRP A 473 -3.65 17.83 -16.59
C TRP A 473 -4.81 16.99 -16.13
N MET A 474 -6.02 17.31 -16.60
CA MET A 474 -7.23 16.57 -16.20
C MET A 474 -7.34 15.22 -16.91
N GLY A 475 -6.51 15.02 -17.93
CA GLY A 475 -6.43 13.77 -18.64
C GLY A 475 -7.69 13.46 -19.40
N VAL A 476 -8.27 12.28 -19.14
CA VAL A 476 -9.54 11.84 -19.70
C VAL A 476 -10.58 11.93 -18.59
N PRO A 477 -11.26 13.07 -18.48
CA PRO A 477 -12.13 13.27 -17.32
C PRO A 477 -13.42 12.49 -17.41
N HIS A 478 -14.04 12.31 -16.25
CA HIS A 478 -15.37 11.75 -16.07
C HIS A 478 -16.38 12.21 -17.12
N GLY A 479 -16.83 11.31 -17.98
CA GLY A 479 -17.84 11.60 -18.98
C GLY A 479 -17.37 11.64 -20.43
N TYR A 480 -16.06 11.66 -20.67
CA TYR A 480 -15.54 12.00 -22.00
C TYR A 480 -15.24 10.78 -22.90
N GLU A 481 -15.81 9.64 -22.51
CA GLU A 481 -15.87 8.48 -23.38
C GLU A 481 -17.21 8.46 -24.07
N ILE A 482 -18.20 9.15 -23.51
CA ILE A 482 -19.58 9.02 -23.98
C ILE A 482 -19.72 9.42 -25.44
N GLU A 483 -19.13 10.55 -25.81
CA GLU A 483 -19.19 11.02 -27.18
C GLU A 483 -18.61 10.02 -28.18
N PHE A 484 -17.65 9.20 -27.76
CA PHE A 484 -17.19 8.10 -28.60
C PHE A 484 -18.15 6.91 -28.71
N ILE A 485 -18.77 6.49 -27.62
CA ILE A 485 -19.71 5.36 -27.64
C ILE A 485 -20.93 5.67 -28.54
N PHE A 486 -21.39 6.92 -28.48
CA PHE A 486 -22.54 7.37 -29.25
C PHE A 486 -22.20 7.72 -30.71
N GLY A 487 -20.92 7.80 -31.03
CA GLY A 487 -20.45 7.88 -32.41
C GLY A 487 -20.37 9.30 -32.94
N LEU A 488 -20.26 10.28 -32.07
CA LEU A 488 -20.19 11.66 -32.51
C LEU A 488 -19.07 11.91 -33.52
N PRO A 489 -17.89 11.36 -33.33
CA PRO A 489 -16.82 11.56 -34.29
C PRO A 489 -17.15 11.24 -35.74
N LEU A 490 -18.23 10.54 -36.03
CA LEU A 490 -18.62 10.25 -37.40
C LEU A 490 -19.24 11.43 -38.12
N ASP A 491 -19.58 12.47 -37.37
CA ASP A 491 -20.10 13.70 -37.91
C ASP A 491 -18.92 14.55 -38.33
N PRO A 492 -18.73 14.75 -39.63
CA PRO A 492 -17.52 15.44 -40.13
C PRO A 492 -17.43 16.90 -39.64
N SER A 493 -18.58 17.57 -39.52
CA SER A 493 -18.64 18.91 -38.94
C SER A 493 -18.07 19.10 -37.50
N LEU A 494 -17.84 18.00 -36.75
CA LEU A 494 -17.29 18.09 -35.37
C LEU A 494 -15.75 17.99 -35.22
N ASN A 495 -15.01 17.92 -36.32
CA ASN A 495 -13.54 18.16 -36.26
C ASN A 495 -12.72 17.09 -35.52
N TYR A 496 -13.27 15.90 -35.38
CA TYR A 496 -12.48 14.80 -34.81
C TYR A 496 -11.53 14.26 -35.89
N THR A 497 -10.40 13.71 -35.48
CA THR A 497 -9.45 13.12 -36.41
C THR A 497 -9.98 11.83 -37.00
N THR A 498 -9.31 11.36 -38.05
CA THR A 498 -9.70 10.13 -38.74
C THR A 498 -9.58 8.89 -37.86
N GLU A 499 -8.49 8.80 -37.10
CA GLU A 499 -8.25 7.67 -36.23
C GLU A 499 -9.37 7.61 -35.17
N GLU A 500 -9.82 8.79 -34.73
CA GLU A 500 -10.93 8.93 -33.79
C GLU A 500 -12.26 8.44 -34.34
N ARG A 501 -12.54 8.72 -35.59
CA ARG A 501 -13.74 8.21 -36.23
C ARG A 501 -13.66 6.68 -36.31
N ILE A 502 -12.50 6.12 -36.63
CA ILE A 502 -12.34 4.65 -36.69
C ILE A 502 -12.49 4.00 -35.31
N PHE A 503 -12.03 4.70 -34.29
CA PHE A 503 -12.07 4.25 -32.90
C PHE A 503 -13.51 4.26 -32.41
N ALA A 504 -14.25 5.29 -32.80
CA ALA A 504 -15.66 5.39 -32.44
C ALA A 504 -16.48 4.27 -33.06
N GLN A 505 -16.12 3.89 -34.29
CA GLN A 505 -16.82 2.81 -34.99
C GLN A 505 -16.55 1.52 -34.28
N ARG A 506 -15.30 1.34 -33.85
CA ARG A 506 -14.91 0.20 -33.02
C ARG A 506 -15.77 0.11 -31.72
N LEU A 507 -15.93 1.22 -31.00
CA LEU A 507 -16.60 1.16 -29.73
C LEU A 507 -18.08 0.89 -29.89
N MET A 508 -18.70 1.51 -30.90
CA MET A 508 -20.09 1.29 -31.21
C MET A 508 -20.32 -0.19 -31.50
N LYS A 509 -19.38 -0.83 -32.16
CA LYS A 509 -19.45 -2.24 -32.44
C LYS A 509 -19.30 -3.10 -31.17
N TYR A 510 -18.44 -2.71 -30.24
CA TYR A 510 -18.34 -3.49 -29.01
C TYR A 510 -19.68 -3.38 -28.24
N TRP A 511 -20.15 -2.15 -28.06
CA TRP A 511 -21.38 -1.87 -27.33
C TRP A 511 -22.57 -2.62 -27.95
N THR A 512 -22.73 -2.54 -29.27
CA THR A 512 -23.90 -3.15 -29.90
C THR A 512 -23.78 -4.65 -30.06
N ASN A 513 -22.57 -5.17 -30.10
CA ASN A 513 -22.38 -6.62 -30.07
C ASN A 513 -22.73 -7.12 -28.68
N PHE A 514 -22.40 -6.33 -27.66
CA PHE A 514 -22.76 -6.70 -26.32
C PHE A 514 -24.27 -6.67 -26.17
N ALA A 515 -24.92 -5.64 -26.70
CA ALA A 515 -26.38 -5.57 -26.64
C ALA A 515 -26.98 -6.77 -27.35
N ARG A 516 -26.41 -7.16 -28.49
CA ARG A 516 -27.01 -8.22 -29.32
C ARG A 516 -26.78 -9.60 -28.72
N THR A 517 -25.63 -9.84 -28.11
CA THR A 517 -25.22 -11.23 -27.80
C THR A 517 -24.76 -11.46 -26.37
N GLY A 518 -24.56 -10.42 -25.58
CA GLY A 518 -23.91 -10.56 -24.29
C GLY A 518 -22.39 -10.65 -24.37
N ASP A 519 -21.82 -10.35 -25.53
CA ASP A 519 -20.39 -10.53 -25.81
C ASP A 519 -19.92 -9.40 -26.73
N PRO A 520 -18.99 -8.55 -26.28
CA PRO A 520 -18.61 -7.38 -27.09
C PRO A 520 -17.79 -7.74 -28.32
N ASN A 521 -17.36 -9.00 -28.40
CA ASN A 521 -16.47 -9.43 -29.45
C ASN A 521 -17.21 -9.67 -30.75
N ASP A 522 -16.53 -9.47 -31.87
CA ASP A 522 -17.11 -9.85 -33.16
C ASP A 522 -16.95 -11.37 -33.42
N PRO A 523 -18.06 -12.08 -33.66
CA PRO A 523 -18.04 -13.54 -33.82
C PRO A 523 -17.20 -14.06 -35.00
N ARG A 524 -17.27 -13.37 -36.14
CA ARG A 524 -16.50 -13.73 -37.35
C ARG A 524 -15.03 -13.29 -37.28
N ASP A 525 -14.81 -12.05 -36.83
CA ASP A 525 -13.49 -11.40 -36.84
C ASP A 525 -12.41 -12.13 -35.98
N SER A 526 -11.57 -12.92 -36.66
CA SER A 526 -10.50 -13.69 -36.00
C SER A 526 -9.21 -12.87 -35.78
N LYS A 527 -8.89 -12.00 -36.76
CA LYS A 527 -7.68 -11.13 -36.74
C LYS A 527 -7.65 -10.10 -35.58
N SER A 528 -8.79 -9.44 -35.32
CA SER A 528 -8.93 -8.49 -34.21
C SER A 528 -8.75 -9.24 -32.88
N PRO A 529 -7.98 -8.67 -31.94
CA PRO A 529 -7.76 -9.29 -30.62
C PRO A 529 -9.01 -9.37 -29.75
N GLN A 530 -9.12 -10.44 -28.97
CA GLN A 530 -10.33 -10.70 -28.21
C GLN A 530 -10.32 -10.04 -26.83
N TRP A 531 -11.50 -9.55 -26.44
CA TRP A 531 -11.79 -9.06 -25.11
C TRP A 531 -12.23 -10.27 -24.29
N PRO A 532 -11.43 -10.69 -23.30
CA PRO A 532 -11.81 -11.82 -22.45
C PRO A 532 -12.70 -11.37 -21.31
N PRO A 533 -13.57 -12.24 -20.83
CA PRO A 533 -14.32 -11.96 -19.58
C PRO A 533 -13.43 -11.63 -18.38
N TYR A 534 -13.86 -10.69 -17.54
CA TYR A 534 -13.27 -10.46 -16.24
C TYR A 534 -13.70 -11.58 -15.26
N THR A 535 -12.72 -12.20 -14.62
CA THR A 535 -12.93 -13.29 -13.68
C THR A 535 -12.21 -12.97 -12.38
N THR A 536 -12.49 -13.69 -11.30
CA THR A 536 -11.81 -13.37 -10.04
C THR A 536 -10.41 -13.92 -10.07
N ALA A 537 -10.27 -15.07 -10.70
CA ALA A 537 -8.99 -15.71 -10.97
C ALA A 537 -8.01 -14.78 -11.66
N ALA A 538 -8.35 -14.34 -12.87
CA ALA A 538 -7.40 -13.66 -13.73
C ALA A 538 -7.61 -12.15 -13.85
N GLN A 539 -8.72 -11.64 -13.36
CA GLN A 539 -8.95 -10.19 -13.29
C GLN A 539 -8.60 -9.43 -14.56
N GLN A 540 -8.97 -9.98 -15.70
CA GLN A 540 -8.65 -9.36 -16.99
C GLN A 540 -9.63 -8.29 -17.44
N TYR A 541 -9.09 -7.17 -17.90
CA TYR A 541 -9.84 -6.11 -18.54
C TYR A 541 -9.07 -5.61 -19.75
N VAL A 542 -9.65 -4.71 -20.54
CA VAL A 542 -8.95 -4.23 -21.74
C VAL A 542 -8.77 -2.72 -21.76
N SER A 543 -7.76 -2.24 -22.47
CA SER A 543 -7.61 -0.81 -22.72
C SER A 543 -8.38 -0.45 -23.97
N LEU A 544 -9.21 0.58 -23.87
CA LEU A 544 -9.89 1.17 -25.00
C LEU A 544 -9.16 2.46 -25.35
N ASN A 545 -8.37 2.39 -26.42
CA ASN A 545 -7.70 3.55 -26.99
C ASN A 545 -7.46 3.38 -28.49
N LEU A 546 -6.59 4.20 -29.09
CA LEU A 546 -6.44 4.16 -30.55
C LEU A 546 -5.69 2.95 -31.01
N LYS A 547 -4.85 2.40 -30.14
CA LYS A 547 -4.12 1.15 -30.43
C LYS A 547 -5.13 0.00 -30.24
N PRO A 548 -4.90 -1.15 -30.89
CA PRO A 548 -5.78 -2.31 -30.72
C PRO A 548 -5.84 -2.78 -29.29
N LEU A 549 -6.93 -3.45 -28.90
CA LEU A 549 -7.15 -3.95 -27.53
C LEU A 549 -5.92 -4.58 -26.93
N GLU A 550 -5.51 -4.08 -25.77
CA GLU A 550 -4.46 -4.71 -24.98
C GLU A 550 -5.16 -5.30 -23.76
N VAL A 551 -4.80 -6.52 -23.37
CA VAL A 551 -5.40 -7.15 -22.20
C VAL A 551 -4.48 -6.92 -21.01
N ARG A 552 -5.04 -6.44 -19.91
CA ARG A 552 -4.32 -6.21 -18.67
C ARG A 552 -4.96 -6.96 -17.54
N ARG A 553 -4.23 -7.09 -16.43
CA ARG A 553 -4.72 -7.85 -15.28
C ARG A 553 -4.69 -7.01 -14.01
N GLY A 554 -5.77 -7.10 -13.24
CA GLY A 554 -5.88 -6.38 -11.98
C GLY A 554 -6.24 -4.93 -12.17
N LEU A 555 -7.44 -4.57 -11.72
CA LEU A 555 -7.94 -3.23 -11.84
C LEU A 555 -7.52 -2.47 -10.60
N ARG A 556 -6.42 -1.74 -10.66
CA ARG A 556 -5.91 -1.08 -9.47
C ARG A 556 -6.00 -2.03 -8.30
N ALA A 557 -5.54 -3.26 -8.45
CA ALA A 557 -5.81 -4.31 -7.46
C ALA A 557 -5.27 -3.99 -6.09
N GLN A 558 -4.00 -3.57 -6.01
CA GLN A 558 -3.38 -3.27 -4.73
C GLN A 558 -4.08 -2.09 -4.06
N THR A 559 -4.29 -1.02 -4.80
CA THR A 559 -4.92 0.18 -4.21
C THR A 559 -6.38 -0.04 -3.85
N CYS A 560 -7.06 -0.91 -4.59
CA CYS A 560 -8.46 -1.20 -4.32
C CYS A 560 -8.62 -2.13 -3.13
N ALA A 561 -7.62 -2.92 -2.82
CA ALA A 561 -7.62 -3.59 -1.51
C ALA A 561 -7.62 -2.58 -0.37
N PHE A 562 -6.93 -1.45 -0.53
CA PHE A 562 -6.97 -0.41 0.48
C PHE A 562 -8.39 0.11 0.69
N TRP A 563 -9.07 0.57 -0.36
CA TRP A 563 -10.41 1.18 -0.22
C TRP A 563 -11.55 0.20 0.08
N ASN A 564 -11.46 -1.02 -0.44
CA ASN A 564 -12.55 -1.98 -0.32
C ASN A 564 -12.44 -2.98 0.83
N ARG A 565 -11.21 -3.30 1.24
CA ARG A 565 -10.96 -4.24 2.34
C ARG A 565 -10.42 -3.61 3.60
N PHE A 566 -9.52 -2.62 3.50
CA PHE A 566 -8.95 -2.05 4.71
C PHE A 566 -9.75 -0.90 5.28
N LEU A 567 -9.99 0.12 4.46
CA LEU A 567 -10.60 1.35 4.93
C LEU A 567 -11.89 1.17 5.74
N PRO A 568 -12.81 0.33 5.26
CA PRO A 568 -14.00 0.00 6.04
C PRO A 568 -13.70 -0.45 7.47
N LYS A 569 -12.66 -1.27 7.67
CA LYS A 569 -12.24 -1.72 9.01
C LYS A 569 -11.77 -0.55 9.90
N LEU A 570 -11.34 0.57 9.33
CA LEU A 570 -11.31 1.84 10.07
C LEU A 570 -12.75 2.46 10.20
N LEU A 571 -13.63 1.66 10.84
CA LEU A 571 -14.98 2.04 11.37
C LEU A 571 -14.85 2.44 12.87
N SER A 572 -13.97 1.72 13.60
CA SER A 572 -13.60 2.03 14.99
C SER A 572 -12.81 3.34 15.07
N GLU B 35 61.86 -17.61 20.99
CA GLU B 35 61.05 -16.37 21.15
C GLU B 35 61.01 -15.54 19.83
N ASP B 36 59.94 -14.77 19.62
CA ASP B 36 59.77 -13.94 18.40
C ASP B 36 59.32 -12.53 18.82
N PRO B 37 60.19 -11.51 18.74
CA PRO B 37 59.85 -10.16 19.22
C PRO B 37 58.53 -9.61 18.70
N GLN B 38 58.18 -9.93 17.45
CA GLN B 38 56.93 -9.50 16.85
C GLN B 38 55.67 -10.06 17.52
N LEU B 39 55.84 -11.10 18.34
CA LEU B 39 54.73 -11.72 19.04
C LEU B 39 54.74 -11.39 20.51
N LEU B 40 55.72 -10.63 20.98
CA LEU B 40 55.72 -10.15 22.34
C LEU B 40 55.25 -8.70 22.42
N VAL B 41 54.21 -8.45 23.20
CA VAL B 41 53.67 -7.12 23.38
C VAL B 41 53.51 -6.85 24.85
N ARG B 42 53.79 -5.62 25.29
CA ARG B 42 53.51 -5.21 26.64
C ARG B 42 52.30 -4.29 26.61
N VAL B 43 51.20 -4.81 27.14
CA VAL B 43 50.02 -4.01 27.41
C VAL B 43 50.07 -3.60 28.88
N ARG B 44 49.12 -2.79 29.31
CA ARG B 44 49.12 -2.23 30.66
C ARG B 44 49.05 -3.26 31.79
N GLY B 45 48.38 -4.38 31.58
CA GLY B 45 48.35 -5.43 32.58
C GLY B 45 49.58 -6.32 32.63
N GLY B 46 50.49 -6.14 31.68
CA GLY B 46 51.70 -6.95 31.57
C GLY B 46 51.94 -7.49 30.18
N GLN B 47 52.67 -8.60 30.08
CA GLN B 47 53.15 -9.12 28.80
C GLN B 47 52.25 -10.19 28.21
N LEU B 48 52.21 -10.23 26.87
CA LEU B 48 51.42 -11.19 26.11
C LEU B 48 52.28 -11.85 25.10
N ARG B 49 52.04 -13.11 24.82
CA ARG B 49 52.65 -13.78 23.69
C ARG B 49 51.57 -14.22 22.75
N GLY B 50 51.64 -13.74 21.52
CA GLY B 50 50.73 -14.17 20.48
C GLY B 50 51.34 -15.24 19.63
N ILE B 51 50.72 -15.43 18.48
CA ILE B 51 51.03 -16.53 17.58
C ILE B 51 51.02 -16.03 16.15
N ARG B 52 51.98 -16.50 15.36
CA ARG B 52 52.01 -16.22 13.93
C ARG B 52 51.03 -17.16 13.27
N LEU B 53 50.05 -16.61 12.58
CA LEU B 53 49.06 -17.41 11.88
C LEU B 53 49.28 -17.26 10.41
N LYS B 54 48.85 -18.25 9.64
CA LYS B 54 49.03 -18.26 8.19
C LYS B 54 47.73 -17.79 7.54
N ALA B 55 47.84 -16.75 6.72
CA ALA B 55 46.78 -16.33 5.82
C ALA B 55 47.24 -16.65 4.38
N PRO B 56 46.32 -16.70 3.41
CA PRO B 56 46.67 -17.09 2.02
C PRO B 56 47.88 -16.38 1.44
N GLY B 57 47.96 -15.05 1.63
CA GLY B 57 49.00 -14.25 1.03
C GLY B 57 50.19 -13.91 1.92
N GLY B 58 50.17 -14.39 3.16
CA GLY B 58 51.27 -14.18 4.09
C GLY B 58 50.89 -14.28 5.56
N PRO B 59 51.88 -14.17 6.44
CA PRO B 59 51.63 -14.26 7.88
C PRO B 59 50.94 -13.04 8.48
N VAL B 60 50.23 -13.28 9.59
CA VAL B 60 49.65 -12.24 10.46
C VAL B 60 49.92 -12.59 11.93
N SER B 61 49.95 -11.58 12.80
CA SER B 61 50.12 -11.77 14.23
C SER B 61 48.75 -11.85 14.91
N ALA B 62 48.55 -12.80 15.81
CA ALA B 62 47.26 -12.91 16.50
C ALA B 62 47.46 -12.98 18.00
N PHE B 63 46.73 -12.15 18.73
CA PHE B 63 46.74 -12.15 20.16
C PHE B 63 45.33 -12.51 20.61
N LEU B 64 45.13 -13.77 20.95
CA LEU B 64 43.81 -14.29 21.22
C LEU B 64 43.68 -14.59 22.69
N GLY B 65 42.49 -14.35 23.25
CA GLY B 65 42.21 -14.71 24.62
C GLY B 65 42.77 -13.76 25.66
N ILE B 66 42.87 -12.47 25.33
CA ILE B 66 43.40 -11.48 26.24
C ILE B 66 42.30 -11.09 27.21
N PRO B 67 42.54 -11.18 28.50
CA PRO B 67 41.51 -10.78 29.47
C PRO B 67 41.40 -9.27 29.54
N PHE B 68 40.19 -8.75 29.44
CA PHE B 68 39.98 -7.31 29.66
C PHE B 68 39.17 -7.00 30.93
N ALA B 69 38.72 -8.03 31.64
CA ALA B 69 37.92 -7.85 32.83
C ALA B 69 38.11 -8.97 33.85
N GLU B 70 37.81 -8.65 35.09
CA GLU B 70 37.76 -9.66 36.12
C GLU B 70 36.65 -10.63 35.74
N PRO B 71 36.91 -11.92 35.77
CA PRO B 71 35.85 -12.90 35.49
C PRO B 71 34.58 -12.58 36.26
N PRO B 72 33.48 -12.33 35.57
CA PRO B 72 32.25 -11.87 36.24
C PRO B 72 31.44 -13.04 36.82
N VAL B 73 32.04 -13.70 37.80
CA VAL B 73 31.54 -14.96 38.34
C VAL B 73 31.21 -14.81 39.84
N GLY B 74 30.40 -15.72 40.35
CA GLY B 74 30.05 -15.71 41.76
C GLY B 74 29.23 -14.48 42.10
N SER B 75 29.72 -13.67 43.03
CA SER B 75 29.04 -12.43 43.40
C SER B 75 29.01 -11.39 42.28
N ARG B 76 29.82 -11.58 41.25
CA ARG B 76 29.88 -10.64 40.12
C ARG B 76 28.91 -10.96 39.02
N ARG B 77 28.09 -11.99 39.21
CA ARG B 77 27.07 -12.29 38.22
C ARG B 77 26.02 -11.20 38.22
N PHE B 78 25.68 -10.74 37.02
CA PHE B 78 24.74 -9.63 36.76
C PHE B 78 25.35 -8.23 37.00
N MET B 79 26.62 -8.17 37.41
CA MET B 79 27.22 -6.91 37.83
C MET B 79 28.04 -6.30 36.71
N PRO B 80 28.20 -4.97 36.70
CA PRO B 80 29.13 -4.34 35.77
C PRO B 80 30.51 -4.98 35.86
N PRO B 81 31.25 -4.99 34.74
CA PRO B 81 32.56 -5.61 34.71
C PRO B 81 33.56 -4.70 35.39
N GLU B 82 34.53 -5.26 36.13
CA GLU B 82 35.65 -4.48 36.64
C GLU B 82 36.83 -4.73 35.71
N PRO B 83 37.73 -3.77 35.57
CA PRO B 83 38.94 -3.99 34.77
C PRO B 83 39.82 -5.14 35.31
N LYS B 84 40.48 -5.85 34.38
CA LYS B 84 41.32 -6.98 34.74
C LYS B 84 42.49 -6.50 35.58
N ARG B 85 42.84 -7.26 36.60
CA ARG B 85 44.01 -6.89 37.41
C ARG B 85 45.26 -7.31 36.66
N PRO B 86 46.35 -6.61 36.90
CA PRO B 86 47.63 -6.98 36.26
C PRO B 86 48.08 -8.40 36.61
N TRP B 87 48.92 -8.96 35.76
CA TRP B 87 49.41 -10.33 35.88
C TRP B 87 50.94 -10.36 35.80
N SER B 88 51.57 -11.42 36.28
CA SER B 88 53.01 -11.60 36.27
C SER B 88 53.48 -12.38 35.03
N GLY B 89 54.78 -12.32 34.70
CA GLY B 89 55.32 -13.06 33.57
C GLY B 89 54.64 -12.76 32.23
N VAL B 90 54.73 -13.73 31.33
CA VAL B 90 54.15 -13.64 30.00
C VAL B 90 52.85 -14.46 29.98
N LEU B 91 51.73 -13.80 29.68
CA LEU B 91 50.43 -14.43 29.50
C LEU B 91 50.32 -15.02 28.11
N ASP B 92 49.88 -16.27 28.04
CA ASP B 92 49.75 -16.95 26.79
C ASP B 92 48.47 -16.49 26.05
N ALA B 93 48.66 -16.00 24.82
CA ALA B 93 47.59 -15.39 24.04
C ALA B 93 47.53 -15.98 22.65
N THR B 94 47.51 -17.31 22.57
CA THR B 94 47.65 -18.04 21.32
C THR B 94 46.41 -18.84 20.94
N THR B 95 45.41 -18.89 21.84
CA THR B 95 44.15 -19.57 21.56
C THR B 95 42.98 -18.72 22.03
N PHE B 96 41.86 -18.88 21.34
CA PHE B 96 40.61 -18.30 21.79
C PHE B 96 40.22 -18.83 23.15
N GLN B 97 39.63 -17.96 23.95
CA GLN B 97 39.23 -18.30 25.30
C GLN B 97 37.80 -18.79 25.29
N ASN B 98 37.26 -19.05 26.48
CA ASN B 98 35.91 -19.57 26.61
C ASN B 98 34.85 -18.63 26.06
N VAL B 99 33.82 -19.25 25.53
CA VAL B 99 32.62 -18.58 25.07
C VAL B 99 31.68 -18.30 26.23
N CYS B 100 31.04 -17.14 26.19
CA CYS B 100 30.13 -16.74 27.25
C CYS B 100 28.96 -17.69 27.29
N TYR B 101 28.50 -18.01 28.50
CA TYR B 101 27.48 -19.03 28.69
C TYR B 101 26.17 -18.65 27.96
N GLN B 102 25.63 -19.63 27.22
CA GLN B 102 24.54 -19.38 26.29
C GLN B 102 23.81 -20.66 25.87
N TYR B 103 22.58 -20.47 25.39
CA TYR B 103 21.82 -21.57 24.80
C TYR B 103 22.47 -22.03 23.51
N VAL B 104 22.58 -23.35 23.34
CA VAL B 104 23.14 -23.96 22.15
C VAL B 104 22.02 -24.55 21.28
N ASP B 105 22.00 -24.12 20.03
CA ASP B 105 21.00 -24.49 19.00
C ASP B 105 21.08 -25.98 18.63
N THR B 106 19.96 -26.67 18.83
CA THR B 106 19.85 -28.11 18.53
C THR B 106 18.64 -28.36 17.65
N LEU B 107 18.32 -27.38 16.82
CA LEU B 107 17.19 -27.45 15.91
C LEU B 107 17.48 -28.47 14.81
N TYR B 108 18.64 -28.31 14.15
CA TYR B 108 19.09 -29.22 13.10
C TYR B 108 20.51 -29.71 13.42
N PRO B 109 20.65 -30.63 14.35
CA PRO B 109 21.98 -31.03 14.86
C PRO B 109 22.98 -31.57 13.82
N GLY B 110 24.19 -30.99 13.74
CA GLY B 110 25.23 -31.42 12.78
C GLY B 110 25.22 -30.72 11.41
N PHE B 111 24.19 -29.93 11.15
CA PHE B 111 24.01 -29.13 9.93
C PHE B 111 24.89 -27.89 9.96
N GLU B 112 25.67 -27.69 8.91
CA GLU B 112 26.64 -26.59 8.86
C GLU B 112 25.93 -25.22 9.03
N GLY B 113 24.79 -25.05 8.40
CA GLY B 113 24.05 -23.80 8.49
C GLY B 113 23.74 -23.33 9.88
N THR B 114 23.53 -24.26 10.82
CA THR B 114 23.30 -23.88 12.22
C THR B 114 24.55 -23.95 13.07
N GLU B 115 25.38 -24.96 12.85
CA GLU B 115 26.51 -25.20 13.74
C GLU B 115 27.59 -24.13 13.59
N MET B 116 27.61 -23.44 12.46
CA MET B 116 28.63 -22.42 12.22
C MET B 116 28.46 -21.21 13.15
N TRP B 117 27.29 -21.12 13.77
CA TRP B 117 27.01 -20.07 14.73
C TRP B 117 27.14 -20.54 16.17
N ASN B 118 27.16 -21.85 16.38
CA ASN B 118 27.23 -22.42 17.72
C ASN B 118 28.62 -22.23 18.35
N PRO B 119 28.71 -22.27 19.68
CA PRO B 119 30.00 -22.06 20.35
C PRO B 119 31.05 -23.07 19.87
N ASN B 120 32.26 -22.58 19.61
CA ASN B 120 33.37 -23.42 19.19
C ASN B 120 34.48 -23.50 20.24
N ARG B 121 34.16 -23.09 21.48
CA ARG B 121 35.01 -23.30 22.65
C ARG B 121 34.11 -23.65 23.88
N GLU B 122 34.71 -24.03 25.01
CA GLU B 122 33.95 -24.35 26.22
C GLU B 122 33.09 -23.14 26.67
N LEU B 123 31.89 -23.41 27.14
CA LEU B 123 31.05 -22.38 27.73
C LEU B 123 31.55 -22.11 29.12
N SER B 124 31.51 -20.84 29.52
CA SER B 124 31.91 -20.47 30.87
C SER B 124 31.46 -19.04 31.14
N GLU B 125 31.07 -18.77 32.38
CA GLU B 125 30.77 -17.41 32.80
C GLU B 125 32.07 -16.59 32.82
N ASP B 126 33.20 -17.27 32.94
CA ASP B 126 34.53 -16.67 32.87
C ASP B 126 34.83 -16.54 31.39
N CYS B 127 34.38 -15.45 30.79
CA CYS B 127 34.42 -15.33 29.33
C CYS B 127 34.81 -13.95 28.75
N LEU B 128 35.23 -13.01 29.58
CA LEU B 128 35.52 -11.66 29.16
C LEU B 128 36.94 -11.52 28.58
N TYR B 129 37.09 -11.99 27.36
CA TYR B 129 38.36 -11.96 26.69
C TYR B 129 38.20 -11.30 25.34
N LEU B 130 39.27 -10.75 24.81
CA LEU B 130 39.24 -10.22 23.46
C LEU B 130 40.42 -10.71 22.62
N ASN B 131 40.33 -10.46 21.33
CA ASN B 131 41.28 -10.95 20.36
C ASN B 131 41.73 -9.80 19.49
N VAL B 132 43.00 -9.82 19.12
CA VAL B 132 43.57 -8.79 18.24
C VAL B 132 44.31 -9.49 17.12
N TRP B 133 44.09 -9.04 15.88
CA TRP B 133 44.88 -9.47 14.72
C TRP B 133 45.60 -8.25 14.13
N THR B 134 46.85 -8.41 13.75
CA THR B 134 47.56 -7.34 13.08
C THR B 134 48.39 -7.93 11.98
N PRO B 135 48.85 -7.10 11.06
CA PRO B 135 49.90 -7.48 10.10
C PRO B 135 51.16 -8.07 10.77
N TYR B 136 51.91 -8.86 10.00
CA TYR B 136 53.19 -9.42 10.42
C TYR B 136 54.19 -9.02 9.35
N PRO B 137 55.16 -8.17 9.67
CA PRO B 137 55.36 -7.63 11.03
C PRO B 137 54.36 -6.53 11.40
N ARG B 138 54.22 -6.30 12.70
CA ARG B 138 53.38 -5.25 13.27
C ARG B 138 53.60 -3.93 12.56
N PRO B 139 52.53 -3.24 12.19
CA PRO B 139 52.65 -2.11 11.27
C PRO B 139 53.58 -0.99 11.79
N ALA B 140 54.23 -0.30 10.85
CA ALA B 140 55.28 0.70 11.17
C ALA B 140 54.68 1.99 11.76
N SER B 141 53.68 2.51 11.07
CA SER B 141 52.94 3.69 11.55
C SER B 141 51.58 3.23 12.11
N PRO B 142 50.93 4.07 12.91
CA PRO B 142 49.63 3.72 13.51
C PRO B 142 48.51 3.45 12.48
N THR B 143 47.93 2.26 12.58
CA THR B 143 46.94 1.75 11.64
C THR B 143 45.50 1.88 12.16
N PRO B 144 44.53 2.17 11.29
CA PRO B 144 43.14 2.20 11.72
C PRO B 144 42.65 0.88 12.28
N VAL B 145 41.81 0.95 13.31
CA VAL B 145 41.39 -0.19 14.07
C VAL B 145 39.93 -0.48 13.79
N LEU B 146 39.59 -1.70 13.39
CA LEU B 146 38.20 -2.13 13.36
C LEU B 146 37.87 -2.99 14.60
N ILE B 147 36.76 -2.70 15.28
CA ILE B 147 36.33 -3.54 16.38
C ILE B 147 35.02 -4.21 16.06
N TRP B 148 35.03 -5.53 16.02
CA TRP B 148 33.84 -6.30 15.70
C TRP B 148 33.03 -6.64 16.95
N ILE B 149 31.71 -6.55 16.82
CA ILE B 149 30.76 -6.98 17.84
C ILE B 149 29.78 -8.01 17.29
N TYR B 150 29.92 -9.27 17.69
CA TYR B 150 29.00 -10.31 17.17
C TYR B 150 27.55 -10.09 17.57
N GLY B 151 26.68 -10.68 16.75
CA GLY B 151 25.27 -10.82 17.05
C GLY B 151 24.94 -12.19 17.61
N GLY B 152 23.65 -12.51 17.62
CA GLY B 152 23.12 -13.66 18.31
C GLY B 152 21.95 -13.33 19.23
N GLY B 153 21.16 -12.31 18.89
CA GLY B 153 19.97 -11.99 19.67
C GLY B 153 20.20 -11.58 21.11
N PHE B 154 21.40 -11.10 21.40
CA PHE B 154 21.81 -10.75 22.76
C PHE B 154 21.72 -11.94 23.70
N TYR B 155 21.52 -13.15 23.15
CA TYR B 155 21.48 -14.39 23.95
C TYR B 155 22.58 -15.39 23.59
N SER B 156 23.30 -15.16 22.50
CA SER B 156 24.32 -16.08 22.02
C SER B 156 25.35 -15.32 21.22
N GLY B 157 26.37 -16.04 20.75
CA GLY B 157 27.43 -15.50 19.93
C GLY B 157 28.77 -15.64 20.61
N ALA B 158 29.81 -15.44 19.82
CA ALA B 158 31.20 -15.62 20.27
C ALA B 158 32.15 -14.94 19.29
N ALA B 159 33.20 -14.34 19.80
CA ALA B 159 34.15 -13.63 18.93
C ALA B 159 35.06 -14.62 18.21
N SER B 160 34.97 -15.90 18.59
CA SER B 160 35.88 -16.94 18.15
C SER B 160 35.40 -17.75 16.94
N LEU B 161 34.22 -17.45 16.44
CA LEU B 161 33.67 -18.20 15.32
C LEU B 161 34.52 -18.03 14.05
N ASP B 162 34.48 -19.01 13.16
CA ASP B 162 35.24 -18.92 11.91
C ASP B 162 34.84 -17.76 11.03
N VAL B 163 33.56 -17.40 11.03
CA VAL B 163 33.13 -16.29 10.18
C VAL B 163 33.63 -14.93 10.64
N TYR B 164 34.12 -14.83 11.89
CA TYR B 164 34.63 -13.56 12.40
C TYR B 164 36.16 -13.50 12.48
N ASP B 165 36.80 -14.36 11.69
CA ASP B 165 38.25 -14.51 11.68
C ASP B 165 38.93 -13.31 11.03
N GLY B 166 39.69 -12.56 11.81
CA GLY B 166 40.28 -11.31 11.36
C GLY B 166 41.58 -11.39 10.56
N ARG B 167 42.03 -12.59 10.22
CA ARG B 167 43.36 -12.71 9.63
C ARG B 167 43.38 -12.15 8.20
N PHE B 168 42.28 -12.25 7.49
CA PHE B 168 42.28 -11.82 6.10
C PHE B 168 42.30 -10.30 5.99
N LEU B 169 41.50 -9.62 6.82
CA LEU B 169 41.47 -8.16 6.82
C LEU B 169 42.80 -7.60 7.32
N ALA B 170 43.46 -8.30 8.23
CA ALA B 170 44.77 -7.86 8.73
C ALA B 170 45.86 -8.00 7.66
N GLN B 171 45.84 -9.12 6.93
CA GLN B 171 46.89 -9.43 5.98
C GLN B 171 46.75 -8.63 4.70
N VAL B 172 45.56 -8.62 4.14
CA VAL B 172 45.31 -8.04 2.82
C VAL B 172 45.18 -6.53 2.86
N GLU B 173 44.49 -6.03 3.88
CA GLU B 173 44.22 -4.59 4.02
C GLU B 173 45.07 -3.92 5.08
N GLY B 174 45.82 -4.69 5.85
CA GLY B 174 46.71 -4.12 6.86
C GLY B 174 46.00 -3.65 8.12
N ALA B 175 44.75 -4.07 8.31
CA ALA B 175 43.94 -3.61 9.43
C ALA B 175 44.38 -4.23 10.76
N VAL B 176 44.15 -3.49 11.84
CA VAL B 176 44.25 -4.02 13.17
C VAL B 176 42.81 -4.25 13.53
N LEU B 177 42.47 -5.50 13.77
CA LEU B 177 41.12 -5.90 13.99
C LEU B 177 40.99 -6.49 15.39
N VAL B 178 39.98 -6.05 16.13
CA VAL B 178 39.77 -6.45 17.50
C VAL B 178 38.37 -7.02 17.58
N SER B 179 38.18 -8.11 18.30
CA SER B 179 36.84 -8.59 18.65
C SER B 179 36.79 -9.00 20.12
N MET B 180 35.66 -8.76 20.79
CA MET B 180 35.52 -9.11 22.21
C MET B 180 34.37 -10.05 22.45
N ASN B 181 34.46 -10.82 23.53
CA ASN B 181 33.30 -11.50 24.06
C ASN B 181 32.60 -10.55 25.02
N TYR B 182 31.29 -10.60 25.00
CA TYR B 182 30.47 -9.86 25.95
C TYR B 182 29.41 -10.81 26.46
N ARG B 183 28.97 -10.61 27.70
CA ARG B 183 27.98 -11.50 28.30
C ARG B 183 26.66 -11.40 27.58
N VAL B 184 26.00 -12.53 27.39
CA VAL B 184 24.71 -12.60 26.75
C VAL B 184 23.68 -13.24 27.67
N GLY B 185 22.41 -13.19 27.26
CA GLY B 185 21.31 -13.80 27.99
C GLY B 185 21.11 -13.19 29.37
N THR B 186 20.69 -14.01 30.33
CA THR B 186 20.55 -13.51 31.70
C THR B 186 21.83 -12.91 32.23
N PHE B 187 22.94 -13.53 31.93
CA PHE B 187 24.22 -13.10 32.45
C PHE B 187 24.57 -11.70 31.99
N GLY B 188 24.23 -11.36 30.76
CA GLY B 188 24.50 -10.05 30.22
C GLY B 188 23.38 -9.02 30.40
N PHE B 189 22.14 -9.46 30.54
CA PHE B 189 21.04 -8.51 30.34
C PHE B 189 19.87 -8.64 31.27
N LEU B 190 19.89 -9.60 32.17
CA LEU B 190 18.86 -9.68 33.19
C LEU B 190 18.97 -8.43 34.03
N ALA B 191 17.86 -7.72 34.19
CA ALA B 191 17.88 -6.48 34.94
C ALA B 191 16.73 -6.42 35.94
N LEU B 192 17.05 -6.03 37.16
CA LEU B 192 16.07 -5.46 38.06
C LEU B 192 16.41 -3.98 38.16
N PRO B 193 15.85 -3.18 37.25
CA PRO B 193 16.22 -1.76 37.13
C PRO B 193 16.09 -1.00 38.41
N GLY B 194 17.08 -0.18 38.71
CA GLY B 194 17.08 0.61 39.92
C GLY B 194 17.84 -0.07 41.02
N SER B 195 18.06 -1.37 40.90
CA SER B 195 18.85 -2.13 41.90
C SER B 195 20.35 -1.91 41.74
N ARG B 196 21.07 -2.18 42.82
CA ARG B 196 22.52 -2.16 42.81
C ARG B 196 23.10 -3.43 42.17
N GLU B 197 22.38 -4.56 42.31
CA GLU B 197 23.00 -5.87 42.11
C GLU B 197 22.65 -6.52 40.78
N ALA B 198 21.70 -5.92 40.07
CA ALA B 198 21.39 -6.28 38.68
C ALA B 198 20.90 -5.07 37.89
N PRO B 199 21.76 -4.07 37.65
CA PRO B 199 21.33 -2.82 37.05
C PRO B 199 20.94 -2.85 35.55
N GLY B 200 21.22 -3.95 34.87
CA GLY B 200 20.90 -4.05 33.46
C GLY B 200 22.07 -3.63 32.60
N ASN B 201 22.03 -4.04 31.35
CA ASN B 201 22.96 -3.58 30.32
C ASN B 201 24.43 -3.94 30.57
N VAL B 202 24.72 -4.89 31.45
CA VAL B 202 26.12 -5.17 31.75
C VAL B 202 26.87 -5.79 30.57
N GLY B 203 26.18 -6.48 29.68
CA GLY B 203 26.81 -6.95 28.44
C GLY B 203 27.28 -5.81 27.53
N LEU B 204 26.54 -4.70 27.54
CA LEU B 204 26.96 -3.54 26.80
C LEU B 204 28.11 -2.89 27.50
N LEU B 205 28.14 -2.93 28.83
CA LEU B 205 29.30 -2.41 29.56
C LEU B 205 30.55 -3.26 29.33
N ASP B 206 30.37 -4.56 29.04
CA ASP B 206 31.48 -5.44 28.73
C ASP B 206 32.09 -4.95 27.46
N GLN B 207 31.23 -4.63 26.49
CA GLN B 207 31.68 -4.12 25.22
C GLN B 207 32.39 -2.78 25.43
N ARG B 208 31.78 -1.92 26.22
CA ARG B 208 32.38 -0.62 26.49
C ARG B 208 33.76 -0.71 27.14
N LEU B 209 33.93 -1.65 28.06
CA LEU B 209 35.23 -1.87 28.69
C LEU B 209 36.27 -2.33 27.66
N ALA B 210 35.90 -3.17 26.72
CA ALA B 210 36.83 -3.60 25.68
C ALA B 210 37.23 -2.42 24.80
N LEU B 211 36.27 -1.54 24.56
CA LEU B 211 36.52 -0.29 23.85
C LEU B 211 37.54 0.55 24.61
N GLN B 212 37.39 0.70 25.93
CA GLN B 212 38.39 1.42 26.76
C GLN B 212 39.76 0.73 26.65
N TRP B 213 39.77 -0.60 26.63
CA TRP B 213 40.99 -1.36 26.58
C TRP B 213 41.74 -1.09 25.29
N VAL B 214 41.00 -0.88 24.21
CA VAL B 214 41.58 -0.54 22.94
C VAL B 214 42.17 0.88 23.03
N GLN B 215 41.45 1.83 23.62
CA GLN B 215 41.99 3.17 23.77
C GLN B 215 43.35 3.13 24.46
N GLU B 216 43.46 2.36 25.52
CA GLU B 216 44.65 2.40 26.37
C GLU B 216 45.80 1.53 25.87
N ASN B 217 45.51 0.48 25.10
CA ASN B 217 46.51 -0.52 24.73
C ASN B 217 46.80 -0.74 23.24
N ILE B 218 45.85 -0.44 22.37
CA ILE B 218 45.97 -0.87 20.97
C ILE B 218 47.21 -0.34 20.25
N ALA B 219 47.75 0.80 20.70
CA ALA B 219 49.00 1.36 20.15
C ALA B 219 50.21 0.44 20.32
N ALA B 220 50.26 -0.31 21.42
CA ALA B 220 51.27 -1.36 21.58
C ALA B 220 51.29 -2.39 20.43
N PHE B 221 50.15 -2.55 19.74
CA PHE B 221 50.03 -3.47 18.60
C PHE B 221 50.18 -2.78 17.25
N GLY B 222 50.35 -1.45 17.28
CA GLY B 222 50.45 -0.64 16.06
C GLY B 222 49.12 -0.05 15.59
N GLY B 223 48.07 -0.19 16.39
CA GLY B 223 46.80 0.40 16.04
C GLY B 223 46.72 1.86 16.47
N ASP B 224 45.83 2.60 15.84
CA ASP B 224 45.62 4.02 16.04
C ASP B 224 44.37 4.23 16.90
N PRO B 225 44.53 4.64 18.15
CA PRO B 225 43.37 4.87 18.99
C PRO B 225 42.59 6.10 18.55
N MET B 226 43.18 6.90 17.67
CA MET B 226 42.49 8.06 17.05
C MET B 226 41.57 7.69 15.89
N SER B 227 41.61 6.42 15.48
CA SER B 227 40.83 5.95 14.34
C SER B 227 40.32 4.57 14.65
N VAL B 228 39.14 4.52 15.26
CA VAL B 228 38.52 3.27 15.70
C VAL B 228 37.13 3.19 15.12
N THR B 229 36.90 2.18 14.29
CA THR B 229 35.62 1.97 13.66
C THR B 229 34.93 0.78 14.32
N LEU B 230 33.76 0.97 14.90
CA LEU B 230 32.98 -0.20 15.36
C LEU B 230 32.23 -0.81 14.20
N PHE B 231 32.17 -2.14 14.15
CA PHE B 231 31.27 -2.79 13.20
C PHE B 231 30.68 -4.03 13.81
N GLY B 232 29.45 -4.32 13.42
CA GLY B 232 28.68 -5.39 14.05
C GLY B 232 27.53 -5.80 13.16
N GLU B 233 26.99 -6.97 13.41
CA GLU B 233 25.83 -7.43 12.69
C GLU B 233 24.75 -7.94 13.65
N SER B 234 23.48 -7.80 13.25
CA SER B 234 22.33 -8.22 14.05
C SER B 234 22.36 -7.56 15.42
N ALA B 235 22.30 -8.33 16.52
CA ALA B 235 22.42 -7.70 17.82
C ALA B 235 23.72 -6.91 17.99
N GLY B 236 24.76 -7.32 17.25
CA GLY B 236 26.02 -6.59 17.25
C GLY B 236 25.83 -5.19 16.65
N ALA B 237 25.03 -5.11 15.59
CA ALA B 237 24.69 -3.83 15.01
C ALA B 237 23.90 -2.96 15.99
N ALA B 238 22.96 -3.55 16.69
CA ALA B 238 22.19 -2.77 17.62
C ALA B 238 23.09 -2.30 18.76
N SER B 239 24.09 -3.12 19.11
CA SER B 239 25.04 -2.75 20.16
C SER B 239 25.86 -1.54 19.70
N VAL B 240 26.34 -1.58 18.48
CA VAL B 240 27.04 -0.46 17.90
C VAL B 240 26.13 0.79 17.96
N GLY B 241 24.86 0.62 17.63
CA GLY B 241 23.91 1.73 17.65
C GLY B 241 23.71 2.27 19.06
N MET B 242 23.79 1.37 20.03
CA MET B 242 23.68 1.76 21.41
C MET B 242 24.90 2.53 21.91
N HIS B 243 26.08 2.18 21.42
CA HIS B 243 27.26 2.97 21.72
C HIS B 243 27.15 4.35 21.09
N ILE B 244 26.58 4.44 19.89
CA ILE B 244 26.35 5.75 19.28
C ILE B 244 25.44 6.61 20.15
N LEU B 245 24.48 5.99 20.81
CA LEU B 245 23.45 6.71 21.57
C LEU B 245 23.75 6.86 23.06
N SER B 246 24.96 6.50 23.47
CA SER B 246 25.35 6.59 24.86
C SER B 246 26.62 7.38 25.03
N LEU B 247 26.56 8.51 25.71
CA LEU B 247 27.68 9.46 25.71
C LEU B 247 29.00 8.87 26.17
N PRO B 248 29.04 8.15 27.29
CA PRO B 248 30.33 7.61 27.74
C PRO B 248 31.03 6.72 26.68
N SER B 249 30.30 6.05 25.79
CA SER B 249 30.91 5.27 24.69
C SER B 249 31.45 6.15 23.55
N ARG B 250 30.88 7.35 23.40
CA ARG B 250 31.14 8.18 22.22
C ARG B 250 32.60 8.60 22.07
N SER B 251 33.32 8.76 23.16
CA SER B 251 34.73 9.12 23.10
C SER B 251 35.68 7.94 22.80
N LEU B 252 35.14 6.73 22.64
CA LEU B 252 35.93 5.50 22.43
C LEU B 252 35.95 5.03 21.00
N PHE B 253 35.29 5.76 20.10
CA PHE B 253 35.30 5.42 18.67
C PHE B 253 34.89 6.62 17.82
N HIS B 254 35.17 6.51 16.53
CA HIS B 254 34.97 7.63 15.59
C HIS B 254 34.00 7.35 14.47
N ARG B 255 33.70 6.07 14.22
CA ARG B 255 32.90 5.69 13.07
C ARG B 255 32.16 4.41 13.38
N ALA B 256 31.09 4.12 12.66
CA ALA B 256 30.32 2.92 12.96
C ALA B 256 29.72 2.28 11.72
N VAL B 257 29.56 0.95 11.79
CA VAL B 257 28.94 0.16 10.75
C VAL B 257 27.93 -0.72 11.41
N LEU B 258 26.68 -0.62 10.95
CA LEU B 258 25.55 -1.41 11.47
C LEU B 258 25.03 -2.27 10.36
N GLN B 259 25.21 -3.57 10.50
CA GLN B 259 24.81 -4.51 9.47
C GLN B 259 23.58 -5.25 9.97
N SER B 260 22.46 -5.08 9.30
CA SER B 260 21.27 -5.90 9.55
C SER B 260 20.80 -5.83 11.00
N GLY B 261 20.87 -4.64 11.60
CA GLY B 261 20.43 -4.45 12.95
C GLY B 261 20.56 -3.02 13.41
N THR B 262 19.77 -2.65 14.41
CA THR B 262 19.66 -1.25 14.87
C THR B 262 19.24 -1.16 16.32
N PRO B 263 19.58 -0.06 16.98
CA PRO B 263 19.15 0.14 18.36
C PRO B 263 17.66 0.37 18.46
N ASN B 264 17.12 1.15 17.53
CA ASN B 264 15.65 1.33 17.41
C ASN B 264 15.05 0.06 16.87
N GLY B 265 13.74 -0.02 16.89
CA GLY B 265 13.04 -1.19 16.38
C GLY B 265 12.46 -2.03 17.52
N PRO B 266 11.73 -3.08 17.17
CA PRO B 266 10.88 -3.78 18.13
C PRO B 266 11.58 -4.79 19.04
N TRP B 267 12.84 -5.16 18.75
CA TRP B 267 13.47 -6.30 19.46
C TRP B 267 14.73 -6.02 20.27
N ALA B 268 15.40 -4.91 19.97
CA ALA B 268 16.71 -4.60 20.52
C ALA B 268 16.66 -4.06 21.93
N THR B 269 15.53 -3.50 22.36
CA THR B 269 15.36 -3.07 23.75
C THR B 269 14.03 -3.46 24.41
N VAL B 270 13.97 -3.22 25.71
CA VAL B 270 12.76 -3.37 26.49
C VAL B 270 12.70 -2.24 27.50
N SER B 271 11.49 -1.88 27.91
CA SER B 271 11.32 -0.91 28.99
C SER B 271 11.80 -1.52 30.30
N ALA B 272 12.07 -0.65 31.27
CA ALA B 272 12.44 -1.07 32.62
C ALA B 272 11.36 -1.96 33.22
N GLY B 273 10.09 -1.57 33.05
CA GLY B 273 8.98 -2.36 33.55
C GLY B 273 8.99 -3.77 33.00
N GLU B 274 9.23 -3.89 31.71
CA GLU B 274 9.21 -5.21 31.09
C GLU B 274 10.43 -6.06 31.49
N ALA B 275 11.58 -5.42 31.68
CA ALA B 275 12.78 -6.14 32.13
C ALA B 275 12.58 -6.68 33.54
N ARG B 276 11.96 -5.88 34.38
CA ARG B 276 11.67 -6.26 35.76
C ARG B 276 10.77 -7.48 35.77
N ARG B 277 9.75 -7.43 34.95
CA ARG B 277 8.76 -8.48 34.85
C ARG B 277 9.41 -9.80 34.42
N ARG B 278 10.27 -9.74 33.40
CA ARG B 278 10.92 -10.96 32.90
C ARG B 278 11.93 -11.49 33.88
N ALA B 279 12.62 -10.61 34.56
CA ALA B 279 13.62 -11.03 35.53
C ALA B 279 12.95 -11.73 36.70
N THR B 280 11.84 -11.15 37.21
CA THR B 280 11.20 -11.75 38.36
C THR B 280 10.45 -13.01 37.94
N LEU B 281 9.99 -13.08 36.70
CA LEU B 281 9.38 -14.32 36.21
C LEU B 281 10.44 -15.44 36.07
N LEU B 282 11.65 -15.08 35.65
CA LEU B 282 12.71 -16.08 35.53
C LEU B 282 13.09 -16.59 36.90
N ALA B 283 13.09 -15.69 37.87
CA ALA B 283 13.41 -16.04 39.24
C ALA B 283 12.38 -17.05 39.74
N ARG B 284 11.11 -16.75 39.56
CA ARG B 284 10.04 -17.66 39.99
C ARG B 284 10.25 -19.04 39.38
N LEU B 285 10.67 -19.09 38.11
CA LEU B 285 10.77 -20.35 37.37
C LEU B 285 11.90 -21.23 37.85
N VAL B 286 12.94 -20.64 38.43
CA VAL B 286 14.04 -21.43 38.99
C VAL B 286 14.01 -21.50 40.51
N GLY B 287 12.90 -21.10 41.11
CA GLY B 287 12.66 -21.24 42.53
C GLY B 287 13.15 -20.09 43.41
N CYS B 288 13.13 -18.86 42.92
CA CYS B 288 13.63 -17.71 43.67
C CYS B 288 12.55 -16.62 43.78
N PRO B 289 12.29 -16.10 44.97
CA PRO B 289 13.03 -16.44 46.20
C PRO B 289 12.30 -17.53 47.01
N ASN B 296 11.97 -8.11 47.98
CA ASN B 296 12.99 -7.11 47.65
C ASN B 296 14.10 -7.64 46.68
N ASP B 297 14.75 -6.72 45.97
CA ASP B 297 15.67 -7.08 44.89
C ASP B 297 16.90 -7.87 45.35
N THR B 298 17.50 -7.43 46.44
CA THR B 298 18.75 -8.03 46.91
C THR B 298 18.59 -9.52 47.15
N GLU B 299 17.50 -9.88 47.82
CA GLU B 299 17.21 -11.27 48.18
C GLU B 299 17.10 -12.08 46.89
N LEU B 300 16.32 -11.54 45.95
CA LEU B 300 16.00 -12.22 44.70
C LEU B 300 17.25 -12.51 43.87
N ILE B 301 18.14 -11.53 43.76
CA ILE B 301 19.35 -11.68 42.97
C ILE B 301 20.36 -12.60 43.66
N ALA B 302 20.42 -12.52 44.99
CA ALA B 302 21.31 -13.39 45.74
C ALA B 302 21.01 -14.86 45.45
N CYS B 303 19.73 -15.16 45.28
CA CYS B 303 19.30 -16.54 45.05
C CYS B 303 19.57 -16.94 43.59
N LEU B 304 19.28 -16.04 42.67
CA LEU B 304 19.66 -16.21 41.26
C LEU B 304 21.15 -16.49 41.12
N ARG B 305 21.96 -15.90 41.99
CA ARG B 305 23.40 -16.10 41.97
C ARG B 305 23.85 -17.47 42.43
N THR B 306 23.01 -18.15 43.19
CA THR B 306 23.33 -19.49 43.67
C THR B 306 23.01 -20.52 42.65
N ARG B 307 22.35 -20.12 41.56
CA ARG B 307 21.89 -21.10 40.60
C ARG B 307 22.97 -21.42 39.57
N PRO B 308 23.16 -22.69 39.27
CA PRO B 308 24.01 -23.06 38.14
C PRO B 308 23.60 -22.34 36.84
N ALA B 309 24.57 -21.96 36.03
CA ALA B 309 24.30 -21.21 34.82
C ALA B 309 23.27 -21.87 33.94
N GLN B 310 23.34 -23.19 33.79
CA GLN B 310 22.49 -23.92 32.84
C GLN B 310 21.02 -23.89 33.29
N ASP B 311 20.78 -23.81 34.59
CA ASP B 311 19.42 -23.58 35.10
C ASP B 311 18.78 -22.30 34.56
N LEU B 312 19.55 -21.20 34.50
CA LEU B 312 19.06 -19.93 33.95
C LEU B 312 18.77 -20.04 32.44
N VAL B 313 19.65 -20.70 31.71
CA VAL B 313 19.48 -20.85 30.27
C VAL B 313 18.30 -21.78 29.96
N ASP B 314 18.08 -22.79 30.78
CA ASP B 314 16.96 -23.75 30.65
C ASP B 314 15.58 -23.07 30.57
N HIS B 315 15.44 -21.94 31.25
CA HIS B 315 14.17 -21.25 31.41
C HIS B 315 14.13 -19.87 30.76
N GLU B 316 15.24 -19.44 30.21
CA GLU B 316 15.40 -18.15 29.56
C GLU B 316 14.27 -17.82 28.59
N TRP B 317 13.92 -18.81 27.79
CA TRP B 317 12.96 -18.65 26.71
C TRP B 317 11.51 -18.51 27.18
N HIS B 318 11.23 -19.03 28.36
CA HIS B 318 9.86 -19.01 28.86
C HIS B 318 9.37 -17.67 29.39
N VAL B 319 10.16 -16.60 29.37
CA VAL B 319 9.68 -15.33 29.93
C VAL B 319 9.11 -14.33 28.89
N LEU B 320 9.06 -14.74 27.63
CA LEU B 320 8.55 -13.87 26.58
C LEU B 320 7.03 -13.75 26.73
N PRO B 321 6.49 -12.55 26.52
CA PRO B 321 5.06 -12.33 26.77
C PRO B 321 4.10 -13.01 25.77
N GLN B 322 4.59 -13.34 24.57
CA GLN B 322 3.79 -13.95 23.49
C GLN B 322 4.61 -14.97 22.71
N GLU B 323 3.91 -15.87 22.03
CA GLU B 323 4.52 -16.71 20.98
C GLU B 323 5.07 -15.70 19.98
N SER B 324 6.32 -15.86 19.57
CA SER B 324 6.94 -14.86 18.72
C SER B 324 8.20 -15.30 18.05
N ILE B 325 8.54 -14.68 16.94
CA ILE B 325 9.86 -14.82 16.37
C ILE B 325 10.48 -13.44 16.35
N PHE B 326 11.80 -13.40 16.17
CA PHE B 326 12.61 -12.19 16.28
C PHE B 326 12.31 -11.43 17.55
N ARG B 327 12.17 -12.17 18.65
CA ARG B 327 12.13 -11.58 19.99
C ARG B 327 12.98 -12.41 20.93
N PHE B 328 13.68 -11.71 21.82
CA PHE B 328 14.67 -12.29 22.70
C PHE B 328 14.41 -11.85 24.13
N SER B 329 14.66 -12.74 25.09
CA SER B 329 14.19 -12.53 26.45
C SER B 329 14.96 -11.47 27.22
N PHE B 330 16.26 -11.42 27.02
CA PHE B 330 17.09 -10.53 27.83
C PHE B 330 17.96 -9.71 26.93
N VAL B 331 17.52 -8.48 26.72
CA VAL B 331 18.13 -7.54 25.80
C VAL B 331 18.39 -6.22 26.54
N PRO B 332 19.08 -5.28 25.90
CA PRO B 332 19.33 -4.01 26.55
C PRO B 332 18.05 -3.39 27.04
N VAL B 333 18.14 -2.75 28.20
CA VAL B 333 16.99 -2.12 28.84
C VAL B 333 17.11 -0.59 28.89
N VAL B 334 15.98 0.09 28.72
CA VAL B 334 15.96 1.56 28.78
C VAL B 334 15.94 1.87 30.27
N ASP B 335 17.14 2.11 30.79
CA ASP B 335 17.38 2.21 32.23
C ASP B 335 17.42 3.64 32.75
N GLY B 336 17.50 4.62 31.85
CA GLY B 336 17.78 6.00 32.21
C GLY B 336 19.26 6.31 32.45
N ASP B 337 20.11 5.29 32.31
CA ASP B 337 21.55 5.43 32.57
C ASP B 337 22.33 5.21 31.26
N PHE B 338 22.67 3.98 30.90
CA PHE B 338 23.34 3.71 29.61
C PHE B 338 22.53 4.29 28.46
N LEU B 339 21.24 3.98 28.46
CA LEU B 339 20.28 4.56 27.53
C LEU B 339 19.39 5.56 28.25
N SER B 340 19.59 6.85 28.00
CA SER B 340 18.92 7.89 28.79
C SER B 340 17.44 8.04 28.46
N ASP B 341 17.04 7.52 27.30
CA ASP B 341 15.64 7.46 26.85
C ASP B 341 15.50 6.26 25.89
N THR B 342 14.37 6.07 25.23
CA THR B 342 14.28 5.03 24.21
C THR B 342 15.17 5.40 23.04
N PRO B 343 15.70 4.41 22.34
CA PRO B 343 16.46 4.68 21.12
C PRO B 343 15.68 5.58 20.18
N GLU B 344 14.39 5.37 20.06
CA GLU B 344 13.58 6.17 19.14
C GLU B 344 13.66 7.65 19.51
N ALA B 345 13.49 7.95 20.79
CA ALA B 345 13.61 9.33 21.28
C ALA B 345 15.00 9.90 21.07
N LEU B 346 16.03 9.05 21.17
CA LEU B 346 17.42 9.50 21.15
C LEU B 346 17.88 9.78 19.74
N ILE B 347 17.44 8.99 18.77
CA ILE B 347 17.79 9.25 17.38
C ILE B 347 16.97 10.43 16.83
N ASN B 348 15.77 10.70 17.38
CA ASN B 348 14.94 11.81 16.89
C ASN B 348 15.50 13.16 17.34
N THR B 349 16.16 13.22 18.49
CA THR B 349 16.66 14.49 19.04
C THR B 349 18.17 14.59 19.04
N GLY B 350 18.88 13.55 18.65
CA GLY B 350 20.33 13.55 18.77
C GLY B 350 20.99 14.49 17.78
N ASP B 351 22.19 14.94 18.13
CA ASP B 351 23.08 15.69 17.22
C ASP B 351 24.22 14.79 16.74
N PHE B 352 24.15 14.36 15.48
CA PHE B 352 25.12 13.41 14.95
C PHE B 352 26.09 14.05 13.95
N GLN B 353 26.48 15.30 14.19
CA GLN B 353 27.19 16.10 13.17
C GLN B 353 28.54 15.47 12.79
N ASP B 354 29.31 15.01 13.77
CA ASP B 354 30.66 14.59 13.44
C ASP B 354 30.77 13.07 13.38
N LEU B 355 29.73 12.42 12.87
CA LEU B 355 29.64 10.96 12.83
C LEU B 355 29.52 10.48 11.41
N GLN B 356 30.20 9.38 11.11
CA GLN B 356 30.03 8.67 9.85
C GLN B 356 29.53 7.27 10.10
N VAL B 357 28.56 6.83 9.29
CA VAL B 357 27.94 5.53 9.51
C VAL B 357 27.69 4.83 8.19
N LEU B 358 28.03 3.54 8.15
CA LEU B 358 27.69 2.64 7.07
C LEU B 358 26.61 1.67 7.59
N VAL B 359 25.50 1.59 6.87
CA VAL B 359 24.40 0.72 7.28
C VAL B 359 23.90 -0.07 6.10
N GLY B 360 23.39 -1.27 6.36
CA GLY B 360 22.68 -2.00 5.33
C GLY B 360 22.00 -3.25 5.80
N VAL B 361 21.54 -4.02 4.82
CA VAL B 361 20.70 -5.16 5.03
C VAL B 361 21.00 -6.20 3.96
N VAL B 362 20.61 -7.45 4.19
CA VAL B 362 20.68 -8.46 3.17
C VAL B 362 19.33 -8.55 2.45
N LYS B 363 19.30 -9.31 1.35
CA LYS B 363 18.11 -9.39 0.49
C LYS B 363 16.96 -10.10 1.21
N ASP B 364 17.25 -10.97 2.17
CA ASP B 364 16.18 -11.78 2.77
C ASP B 364 16.29 -11.85 4.29
N GLU B 365 16.22 -10.70 4.94
CA GLU B 365 16.44 -10.64 6.38
C GLU B 365 15.58 -11.60 7.18
N GLY B 366 14.33 -11.80 6.84
CA GLY B 366 13.43 -12.58 7.67
C GLY B 366 13.32 -14.08 7.39
N SER B 367 13.90 -14.56 6.31
CA SER B 367 13.61 -15.91 5.84
C SER B 367 13.83 -17.02 6.89
N TYR B 368 14.92 -16.95 7.63
CA TYR B 368 15.29 -18.08 8.45
C TYR B 368 14.65 -18.08 9.79
N PHE B 369 14.20 -16.92 10.26
CA PHE B 369 13.48 -16.89 11.50
C PHE B 369 12.21 -17.70 11.40
N LEU B 370 11.71 -17.84 10.19
CA LEU B 370 10.46 -18.57 9.96
C LEU B 370 10.54 -20.06 10.30
N VAL B 371 11.69 -20.69 10.07
CA VAL B 371 11.81 -22.14 10.30
C VAL B 371 11.91 -22.49 11.76
N TYR B 372 12.13 -21.50 12.60
CA TYR B 372 12.05 -21.73 14.03
C TYR B 372 10.54 -21.72 14.36
N GLY B 373 9.96 -20.62 14.80
CA GLY B 373 8.57 -20.65 15.29
C GLY B 373 7.31 -20.62 14.39
N VAL B 374 7.39 -20.57 13.06
CA VAL B 374 6.16 -20.44 12.24
C VAL B 374 5.67 -21.76 11.61
N PRO B 375 4.46 -22.21 11.94
CA PRO B 375 3.92 -23.41 11.30
C PRO B 375 3.87 -23.25 9.78
N GLY B 376 4.33 -24.26 9.06
CA GLY B 376 4.33 -24.28 7.61
C GLY B 376 5.73 -24.27 7.03
N PHE B 377 6.71 -23.85 7.82
CA PHE B 377 8.05 -23.59 7.28
C PHE B 377 9.09 -24.62 7.72
N SER B 378 10.04 -24.88 6.83
CA SER B 378 11.11 -25.85 7.08
C SER B 378 12.28 -25.60 6.16
N LYS B 379 13.47 -25.96 6.61
CA LYS B 379 14.66 -25.91 5.75
C LYS B 379 14.66 -27.02 4.69
N ASP B 380 13.90 -28.08 4.96
CA ASP B 380 13.94 -29.30 4.14
C ASP B 380 12.84 -29.43 3.05
N ASN B 381 11.90 -28.49 3.00
CA ASN B 381 10.95 -28.38 1.87
C ASN B 381 10.84 -26.93 1.39
N GLU B 382 10.09 -26.70 0.32
CA GLU B 382 9.95 -25.37 -0.28
C GLU B 382 9.07 -24.39 0.54
N SER B 383 8.42 -24.90 1.59
CA SER B 383 7.61 -24.12 2.52
C SER B 383 6.54 -23.30 1.83
N LEU B 384 5.90 -23.91 0.86
CA LEU B 384 4.73 -23.31 0.23
C LEU B 384 3.61 -23.33 1.25
N ILE B 385 3.05 -22.17 1.57
CA ILE B 385 2.05 -22.05 2.63
C ILE B 385 0.71 -21.53 2.11
N SER B 386 -0.31 -21.69 2.94
CA SER B 386 -1.66 -21.27 2.64
C SER B 386 -1.88 -19.86 3.19
N ARG B 387 -3.03 -19.30 2.82
CA ARG B 387 -3.42 -18.01 3.33
C ARG B 387 -3.61 -18.04 4.86
N ALA B 388 -4.23 -19.10 5.37
CA ALA B 388 -4.46 -19.22 6.82
C ALA B 388 -3.15 -19.22 7.60
N GLN B 389 -2.17 -19.96 7.05
CA GLN B 389 -0.85 -20.08 7.65
C GLN B 389 -0.12 -18.74 7.65
N PHE B 390 -0.45 -17.89 6.67
CA PHE B 390 0.13 -16.57 6.53
C PHE B 390 -0.45 -15.62 7.58
N LEU B 391 -1.75 -15.67 7.88
CA LEU B 391 -2.33 -14.77 8.91
C LEU B 391 -1.84 -15.21 10.28
N ALA B 392 -1.76 -16.53 10.48
CA ALA B 392 -1.24 -17.11 11.73
C ALA B 392 0.23 -16.75 11.94
N GLY B 393 1.00 -16.73 10.85
CA GLY B 393 2.40 -16.35 10.87
C GLY B 393 2.62 -14.88 11.19
N VAL B 394 1.73 -14.03 10.73
CA VAL B 394 1.81 -12.58 10.96
C VAL B 394 1.56 -12.26 12.45
N ARG B 395 0.65 -12.98 13.11
CA ARG B 395 0.42 -12.79 14.54
C ARG B 395 1.67 -13.11 15.32
N ILE B 396 2.42 -14.10 14.84
CA ILE B 396 3.68 -14.52 15.46
C ILE B 396 4.86 -13.57 15.10
N GLY B 397 4.86 -13.06 13.87
CA GLY B 397 5.88 -12.14 13.38
C GLY B 397 5.72 -10.74 13.94
N VAL B 398 4.49 -10.35 14.21
CA VAL B 398 4.16 -9.03 14.74
C VAL B 398 3.31 -9.28 15.98
N PRO B 399 3.95 -9.77 17.03
CA PRO B 399 3.25 -10.20 18.24
C PRO B 399 2.57 -9.08 19.03
N GLN B 400 3.03 -7.85 18.84
CA GLN B 400 2.45 -6.71 19.54
C GLN B 400 1.17 -6.25 18.87
N ALA B 401 0.92 -6.74 17.66
CA ALA B 401 -0.16 -6.23 16.82
C ALA B 401 -1.53 -6.65 17.25
N SER B 402 -2.44 -5.68 17.33
CA SER B 402 -3.87 -5.94 17.53
C SER B 402 -4.44 -6.70 16.34
N ASP B 403 -5.69 -7.13 16.44
CA ASP B 403 -6.38 -7.76 15.30
C ASP B 403 -6.39 -6.84 14.09
N LEU B 404 -6.66 -5.56 14.32
CA LEU B 404 -6.75 -4.58 13.25
C LEU B 404 -5.39 -4.29 12.59
N ALA B 405 -4.34 -4.18 13.40
CA ALA B 405 -3.01 -3.97 12.87
C ALA B 405 -2.54 -5.17 12.05
N ALA B 406 -2.90 -6.37 12.49
CA ALA B 406 -2.54 -7.62 11.80
C ALA B 406 -3.21 -7.72 10.45
N GLU B 407 -4.43 -7.23 10.38
CA GLU B 407 -5.15 -7.19 9.12
C GLU B 407 -4.45 -6.19 8.21
N ALA B 408 -4.02 -5.07 8.74
CA ALA B 408 -3.36 -4.08 7.91
C ALA B 408 -2.08 -4.67 7.29
N VAL B 409 -1.33 -5.44 8.07
CA VAL B 409 -0.12 -6.06 7.57
C VAL B 409 -0.48 -7.01 6.47
N VAL B 410 -1.44 -7.88 6.73
CA VAL B 410 -1.83 -8.89 5.75
C VAL B 410 -2.31 -8.25 4.45
N LEU B 411 -3.09 -7.18 4.57
CA LEU B 411 -3.66 -6.58 3.39
C LEU B 411 -2.58 -5.90 2.58
N HIS B 412 -1.60 -5.30 3.27
CA HIS B 412 -0.48 -4.64 2.60
C HIS B 412 0.42 -5.62 1.85
N TYR B 413 0.62 -6.79 2.42
CA TYR B 413 1.61 -7.72 1.87
C TYR B 413 1.03 -8.76 0.92
N THR B 414 -0.29 -8.85 0.83
CA THR B 414 -0.88 -9.73 -0.15
C THR B 414 -0.64 -9.20 -1.56
N ASP B 415 -0.42 -10.12 -2.51
CA ASP B 415 -0.48 -9.82 -3.95
C ASP B 415 -1.92 -10.02 -4.42
N TRP B 416 -2.61 -8.92 -4.73
CA TRP B 416 -4.06 -9.03 -4.95
C TRP B 416 -4.39 -9.62 -6.33
N LEU B 417 -3.35 -9.77 -7.15
CA LEU B 417 -3.44 -10.49 -8.42
C LEU B 417 -3.36 -12.01 -8.23
N HIS B 418 -2.58 -12.44 -7.25
CA HIS B 418 -2.45 -13.85 -6.88
C HIS B 418 -2.60 -13.96 -5.34
N PRO B 419 -3.80 -13.77 -4.82
CA PRO B 419 -4.02 -13.70 -3.36
C PRO B 419 -3.72 -14.98 -2.61
N GLU B 420 -3.70 -16.12 -3.30
CA GLU B 420 -3.59 -17.41 -2.64
C GLU B 420 -2.46 -18.28 -3.20
N ASP B 421 -1.59 -17.68 -4.01
CA ASP B 421 -0.43 -18.40 -4.55
C ASP B 421 0.55 -18.65 -3.43
N PRO B 422 0.86 -19.91 -3.17
CA PRO B 422 1.63 -20.26 -1.96
C PRO B 422 3.08 -19.75 -1.97
N THR B 423 3.65 -19.53 -3.14
CA THR B 423 5.01 -18.97 -3.23
C THR B 423 5.00 -17.54 -2.73
N HIS B 424 4.05 -16.73 -3.22
CA HIS B 424 4.00 -15.31 -2.86
C HIS B 424 3.77 -15.16 -1.38
N LEU B 425 2.89 -16.01 -0.83
CA LEU B 425 2.59 -15.99 0.60
C LEU B 425 3.81 -16.31 1.48
N ARG B 426 4.57 -17.33 1.08
CA ARG B 426 5.80 -17.72 1.75
C ARG B 426 6.75 -16.52 1.75
N ASP B 427 7.03 -15.98 0.55
CA ASP B 427 7.93 -14.84 0.40
C ASP B 427 7.46 -13.59 1.13
N ALA B 428 6.16 -13.44 1.29
CA ALA B 428 5.59 -12.27 1.93
C ALA B 428 5.73 -12.38 3.44
N MET B 429 5.53 -13.58 3.97
CA MET B 429 5.77 -13.90 5.36
C MET B 429 7.22 -13.54 5.69
N SER B 430 8.13 -13.87 4.78
CA SER B 430 9.55 -13.63 5.00
C SER B 430 9.84 -12.14 5.02
N ALA B 431 9.23 -11.42 4.07
CA ALA B 431 9.38 -9.99 3.97
C ALA B 431 8.74 -9.25 5.15
N VAL B 432 7.66 -9.76 5.70
CA VAL B 432 7.02 -9.13 6.84
C VAL B 432 8.03 -9.09 8.00
N VAL B 433 8.64 -10.24 8.25
CA VAL B 433 9.54 -10.39 9.39
C VAL B 433 10.81 -9.58 9.16
N GLY B 434 11.34 -9.65 7.95
CA GLY B 434 12.53 -8.90 7.61
C GLY B 434 12.31 -7.37 7.65
N ASP B 435 11.19 -6.91 7.10
CA ASP B 435 10.91 -5.49 7.03
C ASP B 435 10.69 -4.91 8.40
N HIS B 436 9.90 -5.60 9.21
CA HIS B 436 9.46 -5.09 10.49
C HIS B 436 10.65 -5.01 11.45
N ASN B 437 11.54 -5.98 11.39
CA ASN B 437 12.59 -6.12 12.39
C ASN B 437 13.91 -5.51 11.98
N VAL B 438 14.18 -5.48 10.67
CA VAL B 438 15.46 -5.02 10.18
C VAL B 438 15.40 -3.91 9.15
N VAL B 439 14.74 -4.12 8.03
CA VAL B 439 14.88 -3.20 6.90
C VAL B 439 14.30 -1.84 7.24
N CYS B 440 13.12 -1.80 7.81
CA CYS B 440 12.47 -0.54 8.13
C CYS B 440 13.08 0.17 9.35
N PRO B 441 13.49 -0.55 10.40
CA PRO B 441 14.34 0.10 11.39
C PRO B 441 15.61 0.67 10.76
N VAL B 442 16.31 -0.05 9.89
CA VAL B 442 17.52 0.51 9.26
C VAL B 442 17.20 1.78 8.45
N ALA B 443 16.08 1.79 7.74
CA ALA B 443 15.75 2.94 6.90
C ALA B 443 15.42 4.15 7.75
N GLN B 444 14.69 3.90 8.81
CA GLN B 444 14.41 4.88 9.83
C GLN B 444 15.67 5.45 10.46
N LEU B 445 16.59 4.59 10.89
CA LEU B 445 17.83 5.10 11.48
C LEU B 445 18.61 5.97 10.45
N ALA B 446 18.77 5.47 9.23
CA ALA B 446 19.51 6.19 8.20
C ALA B 446 18.94 7.57 8.01
N GLY B 447 17.62 7.65 7.95
CA GLY B 447 16.96 8.91 7.66
C GLY B 447 17.18 9.89 8.79
N ARG B 448 17.09 9.40 10.03
CA ARG B 448 17.25 10.29 11.15
C ARG B 448 18.70 10.75 11.28
N LEU B 449 19.66 9.82 11.20
CA LEU B 449 21.07 10.19 11.26
C LEU B 449 21.42 11.21 10.18
N ALA B 450 20.98 10.99 8.94
CA ALA B 450 21.35 11.90 7.86
C ALA B 450 20.73 13.29 8.05
N ALA B 451 19.47 13.30 8.50
CA ALA B 451 18.72 14.53 8.75
C ALA B 451 19.36 15.35 9.86
N GLN B 452 19.95 14.68 10.84
CA GLN B 452 20.53 15.37 11.98
C GLN B 452 22.05 15.40 11.95
N GLY B 453 22.61 15.44 10.73
CA GLY B 453 24.01 15.80 10.53
C GLY B 453 25.03 14.69 10.27
N ALA B 454 24.65 13.43 10.30
CA ALA B 454 25.62 12.37 10.01
C ALA B 454 25.86 12.25 8.52
N ARG B 455 26.98 11.61 8.19
CA ARG B 455 27.29 11.18 6.84
C ARG B 455 26.98 9.69 6.84
N VAL B 456 26.08 9.28 5.96
CA VAL B 456 25.53 7.94 5.99
C VAL B 456 25.72 7.31 4.61
N TYR B 457 26.20 6.09 4.58
CA TYR B 457 26.24 5.26 3.40
C TYR B 457 25.40 4.02 3.64
N ALA B 458 24.61 3.60 2.66
CA ALA B 458 23.68 2.50 2.88
C ALA B 458 23.80 1.49 1.75
N TYR B 459 23.56 0.23 2.08
CA TYR B 459 23.64 -0.84 1.10
C TYR B 459 22.57 -1.88 1.32
N ILE B 460 22.37 -2.68 0.28
CA ILE B 460 21.66 -3.91 0.36
C ILE B 460 22.55 -4.97 -0.29
N PHE B 461 22.70 -6.10 0.38
CA PHE B 461 23.59 -7.16 0.00
C PHE B 461 22.74 -8.26 -0.62
N GLU B 462 23.01 -8.63 -1.87
CA GLU B 462 22.12 -9.51 -2.63
C GLU B 462 22.79 -10.74 -3.20
N HIS B 463 24.05 -10.99 -2.85
CA HIS B 463 24.73 -12.18 -3.31
C HIS B 463 24.56 -13.34 -2.34
N ARG B 464 24.02 -14.44 -2.84
CA ARG B 464 23.93 -15.70 -2.10
C ARG B 464 25.18 -16.52 -2.29
N ALA B 465 25.81 -16.91 -1.18
CA ALA B 465 27.05 -17.68 -1.21
C ALA B 465 26.82 -18.97 -1.96
N SER B 466 27.72 -19.29 -2.88
CA SER B 466 27.72 -20.58 -3.54
C SER B 466 27.83 -21.77 -2.55
N THR B 467 28.46 -21.53 -1.39
CA THR B 467 28.66 -22.55 -0.35
C THR B 467 27.48 -22.75 0.59
N LEU B 468 26.41 -21.96 0.44
CA LEU B 468 25.31 -21.93 1.41
C LEU B 468 24.54 -23.24 1.42
N THR B 469 24.22 -23.71 2.62
CA THR B 469 23.56 -25.00 2.81
C THR B 469 22.09 -24.86 3.19
N TRP B 470 21.63 -23.63 3.40
CA TRP B 470 20.21 -23.35 3.55
C TRP B 470 19.55 -23.50 2.19
N PRO B 471 18.27 -23.81 2.15
CA PRO B 471 17.60 -23.97 0.85
C PRO B 471 17.42 -22.64 0.12
N LEU B 472 17.22 -22.77 -1.18
CA LEU B 472 17.13 -21.64 -2.10
C LEU B 472 16.05 -20.61 -1.75
N TRP B 473 14.94 -21.07 -1.16
CA TRP B 473 13.83 -20.15 -0.89
C TRP B 473 14.14 -19.12 0.19
N MET B 474 15.15 -19.39 1.02
CA MET B 474 15.55 -18.43 2.05
C MET B 474 16.41 -17.28 1.47
N GLY B 475 16.88 -17.46 0.24
CA GLY B 475 17.61 -16.43 -0.45
C GLY B 475 18.94 -16.12 0.18
N VAL B 476 19.15 -14.85 0.56
CA VAL B 476 20.34 -14.39 1.25
C VAL B 476 19.89 -14.13 2.66
N PRO B 477 20.06 -15.10 3.55
CA PRO B 477 19.52 -14.98 4.92
C PRO B 477 20.34 -14.09 5.83
N HIS B 478 19.70 -13.65 6.90
CA HIS B 478 20.33 -12.93 8.02
C HIS B 478 21.67 -13.53 8.41
N GLY B 479 22.74 -12.80 8.16
CA GLY B 479 24.08 -13.19 8.57
C GLY B 479 25.04 -13.59 7.48
N TYR B 480 24.57 -13.77 6.25
CA TYR B 480 25.39 -14.44 5.22
C TYR B 480 26.17 -13.50 4.29
N GLU B 481 26.33 -12.26 4.75
CA GLU B 481 27.25 -11.29 4.19
C GLU B 481 28.54 -11.26 5.00
N ILE B 482 28.48 -11.70 6.25
CA ILE B 482 29.61 -11.53 7.13
C ILE B 482 30.83 -12.21 6.58
N GLU B 483 30.70 -13.46 6.18
CA GLU B 483 31.83 -14.22 5.65
C GLU B 483 32.51 -13.53 4.48
N PHE B 484 31.76 -12.76 3.68
CA PHE B 484 32.36 -11.94 2.62
C PHE B 484 33.12 -10.72 3.11
N ILE B 485 32.56 -10.00 4.10
CA ILE B 485 33.23 -8.81 4.66
C ILE B 485 34.54 -9.19 5.29
N PHE B 486 34.57 -10.34 5.97
CA PHE B 486 35.78 -10.83 6.68
C PHE B 486 36.79 -11.51 5.78
N GLY B 487 36.41 -11.79 4.55
CA GLY B 487 37.33 -12.20 3.51
C GLY B 487 37.53 -13.70 3.40
N LEU B 488 36.61 -14.47 3.97
CA LEU B 488 36.76 -15.91 3.97
C LEU B 488 36.96 -16.54 2.58
N PRO B 489 36.31 -16.04 1.55
CA PRO B 489 36.51 -16.58 0.22
C PRO B 489 37.94 -16.57 -0.29
N LEU B 490 38.84 -15.82 0.33
CA LEU B 490 40.25 -15.81 -0.09
C LEU B 490 41.01 -17.05 0.32
N ASP B 491 40.44 -17.82 1.24
CA ASP B 491 41.00 -19.09 1.66
C ASP B 491 40.61 -20.12 0.60
N PRO B 492 41.57 -20.67 -0.14
CA PRO B 492 41.23 -21.53 -1.28
C PRO B 492 40.59 -22.87 -0.82
N SER B 493 40.98 -23.37 0.34
CA SER B 493 40.35 -24.55 0.92
C SER B 493 38.83 -24.47 1.17
N LEU B 494 38.21 -23.28 1.13
CA LEU B 494 36.76 -23.15 1.41
C LEU B 494 35.85 -23.24 0.19
N ASN B 495 36.40 -23.45 -0.99
CA ASN B 495 35.60 -23.80 -2.17
C ASN B 495 34.68 -22.70 -2.69
N TYR B 496 35.02 -21.44 -2.46
CA TYR B 496 34.28 -20.31 -3.07
C TYR B 496 34.75 -20.12 -4.50
N THR B 497 33.85 -19.66 -5.38
CA THR B 497 34.19 -19.35 -6.77
C THR B 497 35.15 -18.18 -6.87
N THR B 498 35.72 -18.00 -8.05
CA THR B 498 36.69 -16.93 -8.29
C THR B 498 36.04 -15.56 -8.23
N GLU B 499 34.83 -15.46 -8.75
CA GLU B 499 34.13 -14.19 -8.76
C GLU B 499 33.88 -13.78 -7.30
N GLU B 500 33.55 -14.77 -6.47
CA GLU B 500 33.32 -14.56 -5.06
C GLU B 500 34.55 -14.07 -4.31
N ARG B 501 35.74 -14.58 -4.67
CA ARG B 501 36.97 -14.09 -4.06
C ARG B 501 37.15 -12.61 -4.41
N ILE B 502 36.90 -12.25 -5.65
CA ILE B 502 37.09 -10.87 -6.11
C ILE B 502 36.07 -9.92 -5.45
N PHE B 503 34.86 -10.43 -5.24
CA PHE B 503 33.76 -9.72 -4.60
C PHE B 503 34.10 -9.45 -3.16
N ALA B 504 34.68 -10.44 -2.49
CA ALA B 504 35.11 -10.28 -1.13
C ALA B 504 36.22 -9.25 -1.02
N GLN B 505 37.11 -9.20 -2.00
CA GLN B 505 38.21 -8.23 -1.96
C GLN B 505 37.59 -6.85 -2.10
N ARG B 506 36.56 -6.73 -2.94
CA ARG B 506 35.86 -5.47 -3.09
C ARG B 506 35.26 -5.03 -1.75
N LEU B 507 34.65 -5.94 -1.01
CA LEU B 507 33.93 -5.54 0.19
C LEU B 507 34.87 -5.14 1.33
N MET B 508 35.96 -5.90 1.46
CA MET B 508 36.97 -5.62 2.44
C MET B 508 37.51 -4.23 2.20
N LYS B 509 37.65 -3.85 0.93
CA LYS B 509 38.11 -2.52 0.58
C LYS B 509 37.08 -1.45 0.96
N TYR B 510 35.80 -1.71 0.73
CA TYR B 510 34.79 -0.71 1.07
C TYR B 510 34.82 -0.48 2.58
N TRP B 511 34.72 -1.57 3.33
CA TRP B 511 34.74 -1.54 4.79
C TRP B 511 36.01 -0.89 5.37
N THR B 512 37.18 -1.19 4.83
CA THR B 512 38.43 -0.63 5.38
C THR B 512 38.65 0.80 4.93
N ASN B 513 38.16 1.15 3.75
CA ASN B 513 38.21 2.53 3.28
C ASN B 513 37.34 3.36 4.16
N PHE B 514 36.23 2.78 4.56
CA PHE B 514 35.32 3.47 5.45
C PHE B 514 35.98 3.67 6.81
N ALA B 515 36.63 2.63 7.31
CA ALA B 515 37.34 2.70 8.58
C ALA B 515 38.45 3.76 8.55
N ARG B 516 39.10 3.87 7.41
CA ARG B 516 40.25 4.75 7.29
C ARG B 516 39.83 6.21 7.09
N THR B 517 38.74 6.46 6.37
CA THR B 517 38.42 7.81 5.88
C THR B 517 37.02 8.33 6.17
N GLY B 518 36.10 7.45 6.57
CA GLY B 518 34.70 7.80 6.70
C GLY B 518 33.91 7.66 5.40
N ASP B 519 34.54 7.06 4.38
CA ASP B 519 34.04 7.05 3.00
C ASP B 519 34.43 5.69 2.40
N PRO B 520 33.47 4.87 1.98
CA PRO B 520 33.81 3.55 1.47
C PRO B 520 34.44 3.55 0.07
N ASN B 521 34.48 4.70 -0.58
CA ASN B 521 34.92 4.79 -1.96
C ASN B 521 36.40 4.73 -2.05
N ASP B 522 36.86 4.01 -3.05
CA ASP B 522 38.28 3.83 -3.31
C ASP B 522 38.84 5.11 -3.97
N PRO B 523 39.69 5.88 -3.28
CA PRO B 523 40.27 7.10 -3.91
C PRO B 523 41.18 6.80 -5.11
N ARG B 524 41.81 5.63 -5.20
CA ARG B 524 42.48 5.22 -6.45
C ARG B 524 41.47 4.61 -7.45
N ASP B 525 40.43 5.38 -7.80
CA ASP B 525 39.39 4.88 -8.69
C ASP B 525 38.52 5.99 -9.29
N SER B 526 38.62 6.10 -10.63
CA SER B 526 37.68 6.81 -11.48
C SER B 526 36.63 5.85 -12.12
N LYS B 527 37.08 4.63 -12.49
CA LYS B 527 36.20 3.65 -13.15
C LYS B 527 35.10 3.07 -12.20
N SER B 528 35.07 3.60 -10.95
CA SER B 528 33.86 3.76 -10.06
C SER B 528 32.67 2.72 -10.29
N PRO B 529 31.35 3.04 -10.43
CA PRO B 529 30.69 4.33 -10.14
C PRO B 529 30.69 4.60 -8.65
N GLN B 530 30.30 5.80 -8.26
CA GLN B 530 30.59 6.24 -6.91
C GLN B 530 29.44 5.86 -6.04
N TRP B 531 29.78 5.43 -4.83
CA TRP B 531 28.81 5.19 -3.77
C TRP B 531 28.35 6.55 -3.10
N PRO B 532 27.14 7.02 -3.38
CA PRO B 532 26.73 8.32 -2.83
C PRO B 532 26.27 8.15 -1.39
N PRO B 533 26.40 9.21 -0.62
CA PRO B 533 25.80 9.22 0.72
C PRO B 533 24.27 9.12 0.68
N TYR B 534 23.73 8.41 1.65
CA TYR B 534 22.30 8.35 1.88
C TYR B 534 21.85 9.68 2.46
N THR B 535 20.78 10.22 1.89
CA THR B 535 20.16 11.48 2.32
C THR B 535 18.66 11.30 2.37
N THR B 536 17.96 12.17 3.08
CA THR B 536 16.51 11.96 3.26
C THR B 536 15.76 12.28 1.97
N ALA B 537 16.24 13.28 1.24
CA ALA B 537 15.67 13.66 -0.03
C ALA B 537 15.86 12.56 -1.09
N ALA B 538 17.10 12.32 -1.52
CA ALA B 538 17.40 11.38 -2.61
C ALA B 538 17.34 9.92 -2.21
N GLN B 539 17.66 9.64 -0.97
CA GLN B 539 17.59 8.27 -0.42
C GLN B 539 18.37 7.19 -1.21
N GLN B 540 19.60 7.53 -1.61
CA GLN B 540 20.43 6.65 -2.41
C GLN B 540 21.18 5.62 -1.58
N TYR B 541 21.11 4.39 -2.03
CA TYR B 541 21.92 3.30 -1.49
C TYR B 541 22.47 2.48 -2.67
N VAL B 542 23.28 1.46 -2.41
CA VAL B 542 23.85 0.66 -3.50
C VAL B 542 23.61 -0.83 -3.31
N SER B 543 23.60 -1.57 -4.42
CA SER B 543 23.52 -3.02 -4.36
C SER B 543 24.94 -3.59 -4.30
N LEU B 544 25.18 -4.47 -3.33
CA LEU B 544 26.43 -5.18 -3.22
C LEU B 544 26.16 -6.57 -3.74
N ASN B 545 26.65 -6.85 -4.94
CA ASN B 545 26.57 -8.18 -5.55
C ASN B 545 27.72 -8.35 -6.55
N LEU B 546 27.68 -9.38 -7.39
CA LEU B 546 28.83 -9.66 -8.25
C LEU B 546 28.96 -8.65 -9.37
N LYS B 547 27.86 -8.03 -9.77
CA LYS B 547 27.92 -6.93 -10.74
C LYS B 547 28.47 -5.69 -10.03
N PRO B 548 29.00 -4.74 -10.78
CA PRO B 548 29.51 -3.49 -10.16
C PRO B 548 28.38 -2.70 -9.46
N LEU B 549 28.73 -1.84 -8.52
CA LEU B 549 27.76 -1.05 -7.78
C LEU B 549 26.69 -0.46 -8.67
N GLU B 550 25.44 -0.71 -8.34
CA GLU B 550 24.34 0.02 -8.95
C GLU B 550 23.74 0.93 -7.85
N VAL B 551 23.40 2.15 -8.20
CA VAL B 551 22.80 3.07 -7.25
C VAL B 551 21.28 3.07 -7.39
N ARG B 552 20.59 2.80 -6.29
CA ARG B 552 19.12 2.77 -6.25
C ARG B 552 18.61 3.84 -5.34
N ARG B 553 17.32 4.15 -5.42
CA ARG B 553 16.75 5.15 -4.53
C ARG B 553 15.56 4.60 -3.78
N GLY B 554 15.49 4.95 -2.50
CA GLY B 554 14.37 4.55 -1.66
C GLY B 554 14.51 3.12 -1.17
N LEU B 555 14.70 2.96 0.13
CA LEU B 555 14.88 1.67 0.73
C LEU B 555 13.54 1.15 1.20
N ARG B 556 12.87 0.40 0.34
CA ARG B 556 11.52 -0.05 0.61
C ARG B 556 10.70 1.13 1.12
N ALA B 557 10.73 2.22 0.38
CA ALA B 557 10.20 3.47 0.88
C ALA B 557 8.71 3.43 1.17
N GLN B 558 7.92 2.89 0.25
CA GLN B 558 6.47 2.82 0.45
C GLN B 558 6.14 1.88 1.63
N THR B 559 6.74 0.70 1.59
CA THR B 559 6.48 -0.30 2.63
C THR B 559 6.96 0.14 4.02
N CYS B 560 8.01 0.96 4.09
CA CYS B 560 8.50 1.47 5.37
C CYS B 560 7.70 2.61 5.88
N ALA B 561 7.05 3.37 5.00
CA ALA B 561 6.05 4.32 5.48
C ALA B 561 4.97 3.58 6.27
N PHE B 562 4.61 2.38 5.81
CA PHE B 562 3.64 1.57 6.52
C PHE B 562 4.10 1.28 7.95
N TRP B 563 5.30 0.74 8.10
CA TRP B 563 5.79 0.32 9.41
C TRP B 563 6.20 1.47 10.31
N ASN B 564 6.82 2.50 9.76
CA ASN B 564 7.42 3.58 10.54
C ASN B 564 6.49 4.75 10.78
N ARG B 565 5.53 4.96 9.88
CA ARG B 565 4.62 6.09 9.99
C ARG B 565 3.18 5.71 10.30
N PHE B 566 2.66 4.64 9.71
CA PHE B 566 1.25 4.28 9.90
C PHE B 566 1.01 3.37 11.08
N LEU B 567 1.71 2.26 11.14
CA LEU B 567 1.46 1.24 12.16
C LEU B 567 1.51 1.74 13.62
N PRO B 568 2.48 2.58 13.99
CA PRO B 568 2.52 3.17 15.33
C PRO B 568 1.21 3.91 15.68
N LYS B 569 0.64 4.61 14.69
CA LYS B 569 -0.66 5.28 14.86
C LYS B 569 -1.84 4.31 15.18
N LEU B 570 -1.72 3.04 14.81
CA LEU B 570 -2.59 1.97 15.36
C LEU B 570 -2.17 1.48 16.76
N LEU B 571 -2.71 2.20 17.75
CA LEU B 571 -2.64 1.85 19.17
C LEU B 571 -4.11 1.82 19.74
C1 NAG C . -4.10 28.00 -9.84
C2 NAG C . -3.04 28.47 -8.80
C3 NAG C . -3.58 28.46 -7.33
C4 NAG C . -4.94 29.12 -7.18
C5 NAG C . -5.90 28.55 -8.25
C6 NAG C . -7.24 29.29 -8.24
C7 NAG C . -0.59 28.12 -9.12
C8 NAG C . 0.27 28.36 -7.88
N2 NAG C . -1.84 27.63 -8.93
O3 NAG C . -2.71 29.07 -6.39
O4 NAG C . -5.42 28.88 -5.86
O5 NAG C . -5.34 28.65 -9.57
O6 NAG C . -7.08 30.65 -8.66
O7 NAG C . -0.17 28.35 -10.27
C1 FUL C . -7.96 31.06 -9.80
C2 FUL C . -8.44 32.47 -9.41
O2 FUL C . -9.02 32.42 -8.08
C3 FUL C . -7.23 33.44 -9.44
O3 FUL C . -7.69 34.77 -9.23
C4 FUL C . -6.50 33.35 -10.82
O4 FUL C . -7.40 33.85 -11.83
C5 FUL C . -6.14 31.89 -11.22
C6 FUL C . -5.41 31.85 -12.61
O5 FUL C . -7.38 31.08 -11.16
C1 NAG D . -14.06 23.00 -36.61
C2 NAG D . -14.78 24.21 -35.92
C3 NAG D . -15.11 25.48 -36.81
C4 NAG D . -14.46 25.45 -38.20
C5 NAG D . -14.68 23.99 -38.72
C6 NAG D . -14.65 23.86 -40.27
C7 NAG D . -15.98 23.08 -34.02
C8 NAG D . -17.04 21.98 -33.82
N2 NAG D . -16.00 23.70 -35.25
O3 NAG D . -14.65 26.68 -36.20
O4 NAG D . -14.91 26.50 -39.09
O5 NAG D . -13.67 23.25 -37.98
O6 NAG D . -13.45 24.48 -40.77
O7 NAG D . -15.20 23.36 -33.06
O1 P6G E . 1.73 -1.67 -1.22
C2 P6G E . 0.37 -2.08 -0.98
C3 P6G E . -0.68 -1.51 0.01
O4 P6G E . -2.20 -1.73 -0.31
C5 P6G E . -2.80 -2.78 0.47
C6 P6G E . -3.72 -2.17 1.39
O7 P6G E . -3.16 -1.52 2.67
C8 P6G E . -3.66 -2.13 3.85
C9 P6G E . -3.60 -1.09 4.98
O10 P6G E . -2.76 0.23 4.66
C11 P6G E . -2.55 1.14 5.72
C12 P6G E . -2.13 2.47 5.27
O13 P6G E . -0.99 2.70 4.19
C14 P6G E . 0.34 3.08 4.62
C15 P6G E . 1.29 3.42 3.57
O16 P6G E . 1.59 2.36 2.45
C17 P6G E . 1.76 2.83 1.10
C18 P6G E . 1.88 1.73 0.21
O19 P6G E . 0.79 1.53 -0.94
N2 TZ5 F . -26.40 19.73 -6.39
C8 TZ5 F . -26.03 21.05 -6.45
C7 TZ5 F . -26.87 22.12 -6.08
C6 TZ5 F . -26.42 23.41 -6.16
C5 TZ5 F . -25.09 23.81 -6.58
C19 TZ5 F . -24.77 21.42 -6.88
C18 TZ5 F . -24.24 22.75 -7.05
N3 TZ5 F . -22.85 22.99 -7.21
C11 TZ5 F . -22.23 24.15 -6.81
C12 TZ5 F . -20.75 24.33 -6.94
C13 TZ5 F . -20.18 24.97 -8.05
C14 TZ5 F . -18.79 25.15 -8.14
C15 TZ5 F . -17.95 24.68 -7.12
C16 TZ5 F . -18.49 24.03 -5.99
C17 TZ5 F . -19.87 23.87 -5.93
C10 TZ5 F . -23.02 25.20 -6.24
C9 TZ5 F . -22.44 26.53 -6.01
C4 TZ5 F . -24.46 25.06 -6.14
C3 TZ5 F . -25.18 26.29 -5.86
C2 TZ5 F . -24.58 27.52 -5.67
C1 TZ5 F . -23.16 27.69 -5.73
N1 TZ5 F . -22.53 28.90 -5.54
C20 TZ5 F . -21.97 21.90 -7.77
C21 TZ5 F . -21.34 20.87 -6.82
C22 TZ5 F . -20.36 19.87 -7.47
C23 TZ5 F . -20.82 19.44 -8.86
C24 TZ5 F . -20.05 18.27 -9.46
C25 TZ5 F . -20.34 18.29 -10.95
C26 TZ5 F . -21.19 17.22 -11.55
N4 TZ5 F . -22.13 17.17 -12.51
N5 TZ5 F . -22.55 15.94 -12.74
N6 TZ5 F . -21.94 15.06 -11.99
C27 TZ5 F . -21.15 15.86 -11.32
C28 TZ5 F . -22.61 18.35 -13.22
C29 TZ5 F . -21.69 18.67 -14.40
N7 TZ5 F . -21.93 17.77 -15.53
C30 TZ5 F . -20.96 16.86 -15.93
C31 TZ5 F . -19.58 17.18 -16.14
C32 TZ5 F . -19.00 18.51 -16.10
C33 TZ5 F . -18.69 16.13 -16.50
C34 TZ5 F . -17.32 16.46 -16.75
C35 TZ5 F . -16.82 17.72 -16.68
C36 TZ5 F . -17.69 18.78 -16.34
N8 TZ5 F . -19.12 14.86 -16.69
C37 TZ5 F . -20.41 14.54 -16.48
C38 TZ5 F . -20.85 13.19 -16.78
C39 TZ5 F . -21.38 15.53 -16.14
C40 TZ5 F . -22.76 15.06 -16.22
C41 TZ5 F . -23.08 13.76 -16.54
C42 TZ5 F . -22.10 12.73 -16.44
C1 NAG G . 7.60 -29.35 5.47
C2 NAG G . 6.05 -29.28 5.37
C3 NAG G . 5.34 -28.96 6.73
C4 NAG G . 5.88 -29.79 7.95
C5 NAG G . 7.45 -29.98 7.88
C6 NAG G . 8.09 -30.88 9.02
C7 NAG G . 5.52 -28.87 2.94
C8 NAG G . 5.44 -27.86 1.78
N2 NAG G . 5.63 -28.41 4.23
O3 NAG G . 3.93 -29.13 6.69
O4 NAG G . 5.39 -29.24 9.22
O5 NAG G . 7.86 -30.34 6.54
O6 NAG G . 8.18 -32.29 8.78
O7 NAG G . 5.48 -30.11 2.72
N2 TZ5 H . 16.97 -17.43 24.03
C8 TZ5 H . 16.61 -18.74 23.86
C7 TZ5 H . 16.55 -19.63 24.93
C6 TZ5 H . 16.20 -20.95 24.76
C5 TZ5 H . 15.83 -21.52 23.50
C19 TZ5 H . 16.27 -19.29 22.61
C18 TZ5 H . 15.93 -20.67 22.36
N3 TZ5 H . 15.26 -21.07 21.18
C11 TZ5 H . 14.46 -22.18 21.08
C12 TZ5 H . 13.69 -22.56 19.85
C13 TZ5 H . 14.12 -23.51 18.92
C14 TZ5 H . 13.31 -23.81 17.81
C15 TZ5 H . 12.07 -23.19 17.63
C16 TZ5 H . 11.62 -22.23 18.54
C17 TZ5 H . 12.43 -21.95 19.63
C10 TZ5 H . 14.26 -23.00 22.23
C9 TZ5 H . 13.36 -24.13 22.23
C4 TZ5 H . 14.95 -22.69 23.45
C3 TZ5 H . 14.67 -23.58 24.56
C2 TZ5 H . 13.81 -24.64 24.50
C1 TZ5 H . 13.10 -24.97 23.31
N1 TZ5 H . 12.22 -26.05 23.24
C20 TZ5 H . 15.45 -20.23 19.95
C21 TZ5 H . 14.53 -19.06 19.58
C22 TZ5 H . 14.82 -18.57 18.14
C23 TZ5 H . 16.23 -17.98 17.94
C24 TZ5 H . 16.39 -17.32 16.56
C25 TZ5 H . 17.74 -17.61 15.91
C26 TZ5 H . 18.85 -16.64 16.19
N4 TZ5 H . 20.16 -16.76 16.53
N5 TZ5 H . 20.73 -15.56 16.64
N6 TZ5 H . 19.90 -14.58 16.41
C27 TZ5 H . 18.81 -15.25 16.15
C28 TZ5 H . 20.79 -18.06 16.74
C29 TZ5 H . 21.12 -18.72 15.42
N7 TZ5 H . 22.38 -18.16 14.94
C30 TZ5 H . 22.39 -17.42 13.77
C31 TZ5 H . 21.85 -17.85 12.54
C32 TZ5 H . 21.25 -19.13 12.32
C33 TZ5 H . 21.91 -16.98 11.43
C34 TZ5 H . 21.39 -17.46 10.18
C35 TZ5 H . 20.84 -18.69 10.03
C36 TZ5 H . 20.78 -19.54 11.13
N8 TZ5 H . 22.48 -15.76 11.46
C37 TZ5 H . 22.98 -15.31 12.61
C38 TZ5 H . 23.65 -14.03 12.62
C39 TZ5 H . 22.99 -16.11 13.80
C40 TZ5 H . 23.73 -15.54 14.88
C41 TZ5 H . 24.35 -14.32 14.81
C42 TZ5 H . 24.10 -13.41 13.74
#